data_6ZWI
#
_entry.id   6ZWI
#
_cell.length_a   154.300
_cell.length_b   154.300
_cell.length_c   127.700
_cell.angle_alpha   90.000
_cell.angle_beta   90.000
_cell.angle_gamma   90.000
#
_symmetry.space_group_name_H-M   'I 4 2 2'
#
loop_
_entity.id
_entity.type
_entity.pdbx_description
1 polymer Cholinesterase
2 branched alpha-D-mannopyranose-(1-3)-alpha-D-mannopyranose-(1-4)-2-acetamido-2-deoxy-beta-D-glucopyranose-(1-4)-[alpha-L-fucopyranose-(1-6)]2-acetamido-2-deoxy-beta-D-glucopyranose
3 branched 'N-acetyl-alpha-neuraminic acid-(2-3)-beta-D-galactopyranose'
4 branched alpha-L-fucopyranose-(1-6)-2-acetamido-2-deoxy-beta-D-glucopyranose
5 branched 2-acetamido-2-deoxy-beta-D-glucopyranose-(1-4)-[alpha-L-fucopyranose-(1-6)]2-acetamido-2-deoxy-beta-D-glucopyranose
6 non-polymer 2-acetamido-2-deoxy-beta-D-glucopyranose
7 non-polymer GLYCEROL
8 non-polymer (2~{E},4~{E})-5-(1,3-benzodioxol-5-yl)-~{N}-[6-(triphenyl-$l^{5}-phosphanyl)hexyl]penta-2,4-dienamide
9 non-polymer 'PENTANOIC ACID'
10 non-polymer 'CHLORIDE ION'
11 non-polymer 'SULFATE ION'
12 non-polymer 'BROMIDE ION'
13 water water
#
_entity_poly.entity_id   1
_entity_poly.type   'polypeptide(L)'
_entity_poly.pdbx_seq_one_letter_code
;EDDIIIATKNGKVRGMQLTVFGGTVTAFLGIPYAQPPLGRLRFKKPQSLTKWSDIWNATKYANSCCQNIDQSFPGFHGSE
MWNPNTDLSEDCLYLNVWIPAPKPKNATVLIWIYGGGFQTGTSSLHVYDGKFLARVERVIVVSMNYRVGALGFLALPGNP
EAPGNMGLFDQQLALQWVQKNIAAFGGNPKSVTLFGESAGAASVSLHLLSPGSHSLFTRAILQSGSFNAPWAVTSLYEAR
NRTLNLAKLTGCSRENETEIIKCLRNKDPQEILLNEAFVVPYGTPLSVNFGPTVDGDFLTDMPDILLELGQFKKTQILVG
VNKDEGTAFLVYGAPGFSKDNNSIITRKEFQEGLKIFFPGVSEFGKESILFHYTDWVDDQRPENYREALGDVVGDYNFIC
PALEFTKKFSEWGNNAFFYYFEHRSSKLPWPEWMGVMHGYEIEFVFGLPLERRDQYTKAEEILSRSIVKRWANFAKYGNP
QETQNQSTSWPVFKSTEQKYLTLNTESTRIMTKLRAQQCRFWTSFFPKV
;
_entity_poly.pdbx_strand_id   A
#
loop_
_chem_comp.id
_chem_comp.type
_chem_comp.name
_chem_comp.formula
BR non-polymer 'BROMIDE ION' 'Br -1'
CL non-polymer 'CHLORIDE ION' 'Cl -1'
FUC L-saccharide, alpha linking alpha-L-fucopyranose 'C6 H12 O5'
GAL D-saccharide, beta linking beta-D-galactopyranose 'C6 H12 O6'
GOL non-polymer GLYCEROL 'C3 H8 O3'
LEA non-polymer 'PENTANOIC ACID' 'C5 H10 O2'
MAN D-saccharide, alpha linking alpha-D-mannopyranose 'C6 H12 O6'
NAG D-saccharide, beta linking 2-acetamido-2-deoxy-beta-D-glucopyranose 'C8 H15 N O6'
QRH non-polymer (2~{E},4~{E})-5-(1,3-benzodioxol-5-yl)-~{N}-[6-(triphenyl-$l^{5}-phosphanyl)hexyl]penta-2,4-dienamide 'C36 H38 N O3 P'
SIA D-saccharide, alpha linking 'N-acetyl-alpha-neuraminic acid' 'C11 H19 N O9'
SO4 non-polymer 'SULFATE ION' 'O4 S -2'
#
# COMPACT_ATOMS: atom_id res chain seq x y z
N ASP A 3 -35.01 -1.57 2.19
CA ASP A 3 -34.31 -0.28 2.07
C ASP A 3 -33.67 0.13 3.39
N ILE A 4 -32.35 0.30 3.41
CA ILE A 4 -31.64 0.57 4.65
C ILE A 4 -30.96 1.92 4.56
N ILE A 5 -31.34 2.83 5.45
CA ILE A 5 -30.91 4.22 5.44
C ILE A 5 -30.22 4.49 6.77
N ILE A 6 -29.02 5.07 6.71
CA ILE A 6 -28.28 5.41 7.90
C ILE A 6 -28.13 6.92 7.95
N ALA A 7 -28.39 7.51 9.11
CA ALA A 7 -28.18 8.94 9.29
C ALA A 7 -26.75 9.18 9.74
N THR A 8 -26.01 10.01 8.99
CA THR A 8 -24.63 10.35 9.34
C THR A 8 -24.59 11.79 9.80
N LYS A 9 -23.42 12.21 10.27
CA LYS A 9 -23.32 13.57 10.78
C LYS A 9 -23.59 14.60 9.69
N ASN A 10 -23.40 14.25 8.41
CA ASN A 10 -23.55 15.20 7.31
C ASN A 10 -24.76 14.94 6.43
N GLY A 11 -25.52 13.90 6.71
CA GLY A 11 -26.67 13.59 5.86
C GLY A 11 -27.00 12.12 5.96
N LYS A 12 -28.18 11.80 5.43
CA LYS A 12 -28.59 10.41 5.25
C LYS A 12 -27.89 9.79 4.03
N VAL A 13 -27.61 8.51 4.13
CA VAL A 13 -27.03 7.74 3.05
C VAL A 13 -27.81 6.46 2.91
N ARG A 14 -28.09 6.05 1.68
CA ARG A 14 -28.79 4.80 1.38
C ARG A 14 -27.81 3.76 0.86
N GLY A 15 -27.91 2.54 1.38
CA GLY A 15 -27.05 1.47 0.96
C GLY A 15 -27.77 0.45 0.09
N MET A 16 -27.13 -0.68 -0.09
CA MET A 16 -27.73 -1.77 -0.83
C MET A 16 -27.36 -3.10 -0.20
N GLN A 17 -28.24 -4.08 -0.36
CA GLN A 17 -28.08 -5.38 0.26
C GLN A 17 -27.42 -6.31 -0.72
N LEU A 18 -26.46 -7.07 -0.24
CA LEU A 18 -25.71 -8.01 -1.04
C LEU A 18 -25.91 -9.38 -0.45
N THR A 19 -26.05 -10.37 -1.30
CA THR A 19 -26.13 -11.75 -0.85
C THR A 19 -24.72 -12.33 -0.91
N VAL A 20 -24.25 -12.86 0.21
CA VAL A 20 -22.89 -13.40 0.33
C VAL A 20 -22.97 -14.69 1.16
N PHE A 21 -22.61 -15.81 0.57
CA PHE A 21 -22.54 -17.08 1.29
C PHE A 21 -23.85 -17.36 2.04
N GLY A 22 -24.97 -17.27 1.32
CA GLY A 22 -26.26 -17.55 1.94
C GLY A 22 -26.59 -16.65 3.11
N GLY A 23 -26.03 -15.45 3.15
CA GLY A 23 -26.32 -14.50 4.17
C GLY A 23 -26.43 -13.16 3.50
N THR A 24 -26.40 -12.08 4.24
CA THR A 24 -26.53 -10.76 3.68
C THR A 24 -25.46 -9.84 4.23
N VAL A 25 -24.95 -8.97 3.35
CA VAL A 25 -24.08 -7.87 3.74
C VAL A 25 -24.68 -6.57 3.22
N THR A 26 -24.61 -5.52 4.01
CA THR A 26 -25.03 -4.19 3.57
C THR A 26 -23.82 -3.35 3.16
N ALA A 27 -23.84 -2.83 1.94
CA ALA A 27 -22.73 -2.05 1.39
C ALA A 27 -23.20 -0.63 1.13
N PHE A 28 -22.38 0.32 1.54
CA PHE A 28 -22.53 1.72 1.17
C PHE A 28 -21.27 2.06 0.37
N LEU A 29 -21.43 2.11 -0.94
CA LEU A 29 -20.34 2.43 -1.85
C LEU A 29 -20.38 3.89 -2.28
N GLY A 30 -19.26 4.57 -2.19
CA GLY A 30 -19.18 5.96 -2.61
C GLY A 30 -19.85 7.00 -1.74
N ILE A 31 -19.58 6.99 -0.43
CA ILE A 31 -19.97 8.12 0.44
C ILE A 31 -18.91 9.22 0.33
N PRO A 32 -19.26 10.47 0.04
CA PRO A 32 -18.23 11.51 0.05
C PRO A 32 -17.77 11.78 1.48
N TYR A 33 -16.47 12.04 1.64
CA TYR A 33 -15.97 12.42 2.94
C TYR A 33 -15.22 13.73 2.94
N ALA A 34 -15.10 14.41 1.79
CA ALA A 34 -14.50 15.73 1.78
C ALA A 34 -15.08 16.58 0.65
N GLN A 35 -14.79 17.88 0.66
CA GLN A 35 -15.13 18.70 -0.52
CA GLN A 35 -15.12 18.71 -0.51
C GLN A 35 -14.30 18.23 -1.70
N PRO A 36 -14.91 18.03 -2.87
CA PRO A 36 -14.13 17.65 -4.07
C PRO A 36 -12.97 18.62 -4.28
N PRO A 37 -11.79 18.13 -4.41
CA PRO A 37 -10.64 19.06 -4.39
C PRO A 37 -10.38 19.64 -5.78
N LEU A 38 -11.35 20.43 -6.26
CA LEU A 38 -11.37 20.95 -7.62
C LEU A 38 -11.02 22.44 -7.64
N GLY A 39 -10.54 22.91 -8.80
CA GLY A 39 -10.32 24.33 -8.99
C GLY A 39 -9.26 24.91 -8.07
N ARG A 40 -9.65 25.92 -7.28
CA ARG A 40 -8.70 26.48 -6.32
C ARG A 40 -8.31 25.48 -5.23
N LEU A 41 -9.08 24.39 -5.03
CA LEU A 41 -8.76 23.36 -4.03
C LEU A 41 -7.79 22.32 -4.53
N ARG A 42 -7.46 22.30 -5.82
CA ARG A 42 -6.46 21.36 -6.29
C ARG A 42 -5.11 21.63 -5.62
N PHE A 43 -4.46 20.55 -5.19
CA PHE A 43 -3.17 20.54 -4.45
C PHE A 43 -3.27 20.95 -2.98
N LYS A 44 -4.44 21.31 -2.47
CA LYS A 44 -4.51 21.64 -1.06
C LYS A 44 -4.99 20.48 -0.21
N LYS A 45 -4.81 20.61 1.11
CA LYS A 45 -5.36 19.66 2.04
C LYS A 45 -6.87 19.59 1.81
N PRO A 46 -7.46 18.42 2.07
CA PRO A 46 -8.89 18.25 1.82
C PRO A 46 -9.67 19.08 2.80
N GLN A 47 -10.74 19.70 2.32
CA GLN A 47 -11.59 20.55 3.13
C GLN A 47 -12.81 19.78 3.59
N SER A 48 -13.30 20.14 4.77
CA SER A 48 -14.42 19.44 5.38
C SER A 48 -15.66 19.58 4.51
N LEU A 49 -16.50 18.55 4.58
CA LEU A 49 -17.70 18.46 3.77
C LEU A 49 -18.87 19.07 4.52
N THR A 50 -19.64 19.90 3.84
CA THR A 50 -20.77 20.52 4.49
C THR A 50 -22.03 19.74 4.17
N LYS A 51 -22.98 19.83 5.10
CA LYS A 51 -24.24 19.12 5.18
C LYS A 51 -24.92 18.99 3.82
N TRP A 52 -25.61 17.87 3.61
CA TRP A 52 -26.67 17.76 2.62
C TRP A 52 -27.93 17.34 3.37
N SER A 53 -29.10 17.56 2.73
CA SER A 53 -30.38 17.36 3.40
C SER A 53 -31.24 16.27 2.79
N ASP A 54 -30.89 15.79 1.59
CA ASP A 54 -31.61 14.71 0.92
C ASP A 54 -31.03 13.36 1.36
N ILE A 55 -31.23 12.32 0.55
CA ILE A 55 -30.62 11.01 0.80
C ILE A 55 -29.54 10.79 -0.24
N TRP A 56 -28.28 10.67 0.22
CA TRP A 56 -27.20 10.31 -0.68
C TRP A 56 -27.26 8.83 -1.01
N ASN A 57 -27.28 8.52 -2.30
CA ASN A 57 -27.38 7.14 -2.74
C ASN A 57 -25.97 6.55 -2.83
N ALA A 58 -25.63 5.64 -1.90
CA ALA A 58 -24.30 5.06 -1.90
C ALA A 58 -24.39 3.65 -2.41
N THR A 59 -24.74 3.51 -3.67
CA THR A 59 -25.04 2.22 -4.24
C THR A 59 -24.13 1.88 -5.41
N LYS A 60 -23.08 2.67 -5.65
CA LYS A 60 -22.10 2.32 -6.68
C LYS A 60 -20.75 2.89 -6.25
N TYR A 61 -19.67 2.19 -6.57
CA TYR A 61 -18.34 2.78 -6.38
C TYR A 61 -18.26 4.14 -7.06
N ALA A 62 -17.59 5.08 -6.42
CA ALA A 62 -17.43 6.41 -6.97
C ALA A 62 -16.21 6.46 -7.90
N ASN A 63 -16.00 7.64 -8.50
CA ASN A 63 -14.82 7.88 -9.33
C ASN A 63 -13.54 7.52 -8.60
N SER A 64 -12.55 7.00 -9.35
CA SER A 64 -11.16 6.82 -8.90
C SER A 64 -10.37 8.10 -9.12
N CYS A 65 -9.33 8.35 -8.29
CA CYS A 65 -8.53 9.56 -8.46
C CYS A 65 -7.72 9.51 -9.76
N CYS A 66 -7.40 10.68 -10.32
CA CYS A 66 -6.67 10.75 -11.58
C CYS A 66 -5.33 10.05 -11.42
N GLN A 67 -4.92 9.34 -12.44
CA GLN A 67 -3.68 8.60 -12.37
C GLN A 67 -3.33 8.08 -13.76
N ASN A 68 -2.04 7.85 -13.99
CA ASN A 68 -1.60 7.12 -15.17
C ASN A 68 -1.82 5.62 -14.98
N ILE A 69 -2.49 4.98 -15.91
CA ILE A 69 -2.75 3.57 -15.70
C ILE A 69 -1.62 2.74 -16.33
N ASP A 70 -1.56 1.48 -15.93
CA ASP A 70 -0.56 0.57 -16.47
C ASP A 70 -0.99 0.18 -17.88
N GLN A 71 -0.13 0.45 -18.87
CA GLN A 71 -0.38 0.02 -20.24
C GLN A 71 0.71 -0.87 -20.78
N SER A 72 1.56 -1.45 -19.92
CA SER A 72 2.61 -2.30 -20.45
C SER A 72 2.09 -3.66 -20.95
N PHE A 73 0.90 -4.12 -20.51
CA PHE A 73 0.38 -5.43 -20.92
C PHE A 73 -1.12 -5.33 -21.24
N PRO A 74 -1.48 -4.60 -22.27
CA PRO A 74 -2.90 -4.43 -22.59
C PRO A 74 -3.54 -5.79 -22.83
N GLY A 75 -4.74 -5.98 -22.29
CA GLY A 75 -5.51 -7.20 -22.44
C GLY A 75 -5.15 -8.33 -21.48
N PHE A 76 -4.08 -8.19 -20.71
CA PHE A 76 -3.59 -9.20 -19.79
C PHE A 76 -4.15 -8.97 -18.39
N HIS A 77 -4.84 -9.98 -17.85
CA HIS A 77 -5.48 -9.84 -16.54
C HIS A 77 -4.47 -9.59 -15.41
N GLY A 78 -3.24 -10.13 -15.52
CA GLY A 78 -2.26 -9.95 -14.45
C GLY A 78 -1.90 -8.50 -14.20
N SER A 79 -1.90 -7.65 -15.25
CA SER A 79 -1.73 -6.22 -15.02
C SER A 79 -3.05 -5.50 -14.92
N GLU A 80 -4.02 -5.85 -15.74
CA GLU A 80 -5.20 -5.00 -15.78
C GLU A 80 -6.08 -5.16 -14.55
N MET A 81 -5.97 -6.27 -13.80
CA MET A 81 -6.68 -6.37 -12.53
C MET A 81 -6.34 -5.25 -11.55
N TRP A 82 -5.20 -4.57 -11.69
CA TRP A 82 -4.83 -3.45 -10.82
C TRP A 82 -5.25 -2.09 -11.34
N ASN A 83 -5.71 -2.02 -12.61
CA ASN A 83 -6.04 -0.71 -13.15
C ASN A 83 -7.40 -0.26 -12.59
N PRO A 84 -7.62 1.05 -12.53
CA PRO A 84 -8.91 1.56 -12.05
C PRO A 84 -10.08 0.99 -12.81
N ASN A 85 -11.17 0.67 -12.10
CA ASN A 85 -12.38 0.18 -12.75
C ASN A 85 -13.56 1.14 -12.57
N THR A 86 -13.32 2.37 -12.19
CA THR A 86 -14.32 3.41 -12.32
C THR A 86 -13.67 4.61 -13.00
N ASP A 87 -14.51 5.53 -13.51
CA ASP A 87 -13.98 6.75 -14.14
C ASP A 87 -12.94 7.43 -13.28
N LEU A 88 -11.89 7.94 -13.93
CA LEU A 88 -10.95 8.84 -13.30
C LEU A 88 -11.51 10.25 -13.19
N SER A 89 -11.31 10.88 -12.04
CA SER A 89 -11.80 12.25 -11.89
C SER A 89 -11.07 12.88 -10.73
N GLU A 90 -10.84 14.18 -10.79
CA GLU A 90 -10.37 14.86 -9.59
C GLU A 90 -11.39 14.77 -8.48
N ASP A 91 -12.66 14.56 -8.85
CA ASP A 91 -13.73 14.44 -7.88
C ASP A 91 -13.78 12.97 -7.45
N CYS A 92 -12.87 12.61 -6.49
CA CYS A 92 -12.66 11.20 -6.16
C CYS A 92 -12.59 10.93 -4.64
N LEU A 93 -12.83 11.92 -3.77
CA LEU A 93 -12.70 11.73 -2.30
C LEU A 93 -13.97 11.10 -1.76
N TYR A 94 -14.01 9.78 -1.87
CA TYR A 94 -15.15 8.98 -1.45
C TYR A 94 -14.63 7.76 -0.70
N LEU A 95 -15.50 7.22 0.12
CA LEU A 95 -15.21 5.96 0.82
C LEU A 95 -16.37 4.98 0.72
N ASN A 96 -16.09 3.74 1.14
CA ASN A 96 -16.97 2.60 1.09
C ASN A 96 -17.06 1.93 2.46
N VAL A 97 -18.25 1.46 2.81
CA VAL A 97 -18.51 0.80 4.10
C VAL A 97 -19.26 -0.49 3.83
N TRP A 98 -18.71 -1.61 4.31
CA TRP A 98 -19.45 -2.87 4.29
C TRP A 98 -19.77 -3.23 5.72
N ILE A 99 -21.05 -3.51 6.00
CA ILE A 99 -21.41 -3.89 7.35
C ILE A 99 -22.16 -5.22 7.34
N PRO A 100 -22.01 -6.05 8.37
CA PRO A 100 -22.73 -7.32 8.39
C PRO A 100 -24.22 -7.04 8.59
N ALA A 101 -25.00 -8.05 8.23
CA ALA A 101 -26.44 -8.07 8.36
C ALA A 101 -26.78 -9.33 9.14
N PRO A 102 -27.53 -9.25 10.25
CA PRO A 102 -28.08 -7.98 10.75
C PRO A 102 -27.03 -7.04 11.26
N LYS A 103 -27.40 -5.76 11.27
CA LYS A 103 -26.55 -4.68 11.73
C LYS A 103 -25.88 -5.08 13.02
N PRO A 104 -24.60 -4.85 13.18
CA PRO A 104 -23.89 -5.31 14.37
C PRO A 104 -24.10 -4.31 15.49
N LYS A 105 -23.73 -4.74 16.70
CA LYS A 105 -23.91 -3.82 17.84
C LYS A 105 -22.70 -2.94 18.11
N ASN A 106 -21.49 -3.48 18.04
CA ASN A 106 -20.30 -2.69 18.34
C ASN A 106 -19.11 -3.35 17.63
N ALA A 107 -19.20 -3.49 16.31
CA ALA A 107 -18.26 -4.29 15.56
C ALA A 107 -16.92 -3.58 15.42
N THR A 108 -15.87 -4.40 15.44
CA THR A 108 -14.54 -3.89 15.15
C THR A 108 -14.49 -3.45 13.69
N VAL A 109 -13.66 -2.44 13.40
CA VAL A 109 -13.62 -1.80 12.09
C VAL A 109 -12.23 -1.98 11.45
N LEU A 110 -12.21 -2.51 10.24
CA LEU A 110 -11.00 -2.64 9.46
C LEU A 110 -10.99 -1.58 8.36
N ILE A 111 -9.98 -0.71 8.35
CA ILE A 111 -9.89 0.35 7.33
C ILE A 111 -8.76 0.02 6.36
N TRP A 112 -9.12 -0.27 5.11
CA TRP A 112 -8.14 -0.62 4.06
C TRP A 112 -7.58 0.60 3.34
N ILE A 113 -6.25 0.64 3.18
CA ILE A 113 -5.58 1.69 2.44
C ILE A 113 -4.86 0.99 1.29
N TYR A 114 -5.30 1.26 0.06
CA TYR A 114 -4.68 0.60 -1.10
C TYR A 114 -3.28 1.14 -1.36
N GLY A 115 -2.47 0.31 -2.01
CA GLY A 115 -1.19 0.70 -2.51
C GLY A 115 -1.18 0.90 -4.02
N GLY A 116 0.01 0.82 -4.61
CA GLY A 116 0.28 1.33 -5.94
C GLY A 116 1.29 2.46 -6.05
N GLY A 117 2.37 2.41 -5.26
CA GLY A 117 3.46 3.35 -5.43
C GLY A 117 3.12 4.82 -5.18
N PHE A 118 2.00 5.11 -4.53
CA PHE A 118 1.51 6.50 -4.33
C PHE A 118 1.18 7.20 -5.66
N GLN A 119 1.25 6.47 -6.78
CA GLN A 119 0.95 7.10 -8.09
C GLN A 119 -0.35 6.60 -8.68
N THR A 120 -0.85 5.46 -8.18
CA THR A 120 -1.98 4.75 -8.75
C THR A 120 -2.78 4.10 -7.61
N GLY A 121 -3.91 3.52 -8.01
CA GLY A 121 -4.71 2.69 -7.13
C GLY A 121 -6.14 3.19 -6.96
N THR A 122 -7.00 2.31 -6.47
CA THR A 122 -8.35 2.73 -6.15
C THR A 122 -8.97 1.72 -5.20
N SER A 123 -9.95 2.18 -4.42
CA SER A 123 -10.49 1.22 -3.47
C SER A 123 -11.54 0.29 -4.07
N SER A 124 -11.92 0.49 -5.33
CA SER A 124 -13.00 -0.26 -5.94
C SER A 124 -12.51 -1.52 -6.61
N LEU A 125 -11.24 -1.86 -6.54
CA LEU A 125 -10.80 -3.10 -7.16
C LEU A 125 -11.51 -4.30 -6.53
N HIS A 126 -11.73 -5.29 -7.39
CA HIS A 126 -12.34 -6.57 -7.02
C HIS A 126 -11.62 -7.23 -5.83
N VAL A 127 -10.27 -7.18 -5.83
CA VAL A 127 -9.49 -7.85 -4.78
C VAL A 127 -9.55 -7.14 -3.44
N TYR A 128 -10.17 -5.95 -3.39
CA TYR A 128 -10.36 -5.20 -2.15
C TYR A 128 -11.83 -5.20 -1.71
N ASP A 129 -12.67 -6.02 -2.30
CA ASP A 129 -14.09 -6.10 -1.94
C ASP A 129 -14.28 -6.55 -0.50
N GLY A 130 -14.71 -5.66 0.39
CA GLY A 130 -14.81 -6.00 1.80
C GLY A 130 -15.97 -6.90 2.19
N LYS A 131 -16.81 -7.31 1.22
CA LYS A 131 -18.04 -8.02 1.60
C LYS A 131 -17.75 -9.39 2.23
N PHE A 132 -16.68 -10.07 1.81
CA PHE A 132 -16.46 -11.38 2.42
C PHE A 132 -16.06 -11.24 3.88
N LEU A 133 -15.18 -10.25 4.21
CA LEU A 133 -14.77 -10.07 5.60
C LEU A 133 -15.98 -9.74 6.48
N ALA A 134 -16.85 -8.87 5.98
CA ALA A 134 -18.01 -8.48 6.75
C ALA A 134 -18.89 -9.70 7.01
N ARG A 135 -19.12 -10.50 5.98
CA ARG A 135 -19.96 -11.68 6.10
C ARG A 135 -19.34 -12.72 7.05
N VAL A 136 -18.06 -13.02 6.89
CA VAL A 136 -17.49 -14.19 7.54
C VAL A 136 -17.04 -13.88 8.96
N GLU A 137 -16.51 -12.68 9.23
CA GLU A 137 -15.99 -12.33 10.56
C GLU A 137 -16.82 -11.28 11.25
N ARG A 138 -17.89 -10.81 10.62
CA ARG A 138 -18.77 -9.78 11.21
C ARG A 138 -18.01 -8.55 11.67
N VAL A 139 -17.01 -8.13 10.89
CA VAL A 139 -16.37 -6.86 11.10
C VAL A 139 -16.97 -5.88 10.09
N ILE A 140 -16.76 -4.59 10.32
CA ILE A 140 -17.08 -3.57 9.35
C ILE A 140 -15.79 -3.25 8.59
N VAL A 141 -15.87 -3.21 7.26
CA VAL A 141 -14.74 -2.86 6.42
C VAL A 141 -15.01 -1.51 5.78
N VAL A 142 -14.06 -0.60 5.92
CA VAL A 142 -14.09 0.71 5.26
C VAL A 142 -12.88 0.81 4.34
N SER A 143 -13.06 1.45 3.18
CA SER A 143 -11.94 1.78 2.29
C SER A 143 -12.21 3.15 1.66
N MET A 144 -11.13 3.86 1.38
CA MET A 144 -11.23 5.23 0.85
C MET A 144 -10.38 5.37 -0.41
N ASN A 145 -10.83 6.26 -1.30
CA ASN A 145 -9.94 6.81 -2.31
C ASN A 145 -9.21 8.01 -1.75
N TYR A 146 -7.92 8.07 -2.04
CA TYR A 146 -7.10 9.23 -1.72
C TYR A 146 -6.31 9.64 -2.96
N ARG A 147 -5.94 10.92 -3.05
CA ARG A 147 -5.25 11.44 -4.22
C ARG A 147 -3.85 10.86 -4.35
N VAL A 148 -3.45 10.59 -5.59
CA VAL A 148 -2.18 9.93 -5.90
C VAL A 148 -1.47 10.79 -6.94
N GLY A 149 -0.18 10.49 -7.13
CA GLY A 149 0.66 11.25 -8.05
C GLY A 149 0.83 12.71 -7.64
N ALA A 150 1.18 13.56 -8.62
CA ALA A 150 1.36 14.96 -8.28
C ALA A 150 0.12 15.55 -7.65
N LEU A 151 -1.08 15.11 -8.07
CA LEU A 151 -2.29 15.72 -7.52
C LEU A 151 -2.46 15.44 -6.02
N GLY A 152 -1.81 14.38 -5.54
CA GLY A 152 -1.89 14.03 -4.13
C GLY A 152 -0.61 14.34 -3.35
N PHE A 153 0.54 14.50 -4.01
CA PHE A 153 1.81 14.61 -3.29
C PHE A 153 2.77 15.70 -3.79
N LEU A 154 2.37 16.48 -4.80
CA LEU A 154 3.17 17.65 -5.16
C LEU A 154 3.51 18.47 -3.91
N ALA A 155 4.77 18.88 -3.79
CA ALA A 155 5.18 19.57 -2.57
C ALA A 155 6.03 20.81 -2.87
N LEU A 156 5.65 21.91 -2.24
CA LEU A 156 6.53 23.05 -1.95
C LEU A 156 6.42 23.20 -0.45
N PRO A 157 7.38 22.69 0.31
CA PRO A 157 7.18 22.57 1.76
C PRO A 157 6.92 23.93 2.41
N GLY A 158 5.93 23.97 3.29
CA GLY A 158 5.52 25.20 3.95
C GLY A 158 4.44 26.00 3.24
N ASN A 159 4.24 25.80 1.93
CA ASN A 159 3.30 26.59 1.14
C ASN A 159 1.95 25.90 1.12
N PRO A 160 0.92 26.42 1.81
CA PRO A 160 -0.36 25.67 1.90
C PRO A 160 -1.13 25.58 0.58
N GLU A 161 -0.66 26.23 -0.46
CA GLU A 161 -1.19 26.02 -1.80
C GLU A 161 -0.78 24.67 -2.37
N ALA A 162 0.32 24.09 -1.88
CA ALA A 162 0.84 22.80 -2.33
C ALA A 162 1.82 22.31 -1.28
N PRO A 163 1.33 21.92 -0.10
CA PRO A 163 2.25 21.66 1.03
C PRO A 163 2.88 20.29 1.00
N GLY A 164 2.39 19.40 0.15
CA GLY A 164 2.77 17.99 0.19
C GLY A 164 1.83 17.16 1.03
N ASN A 165 1.93 15.82 0.85
CA ASN A 165 1.23 14.84 1.68
C ASN A 165 -0.29 14.96 1.60
N MET A 166 -0.84 15.60 0.57
CA MET A 166 -2.30 15.75 0.55
C MET A 166 -3.04 14.41 0.58
N GLY A 167 -2.56 13.41 -0.17
CA GLY A 167 -3.22 12.11 -0.16
C GLY A 167 -3.20 11.44 1.21
N LEU A 168 -2.16 11.70 2.00
CA LEU A 168 -2.15 11.21 3.37
C LEU A 168 -3.20 11.97 4.20
N PHE A 169 -3.34 13.29 3.95
CA PHE A 169 -4.41 13.98 4.66
C PHE A 169 -5.79 13.53 4.20
N ASP A 170 -5.93 13.14 2.92
CA ASP A 170 -7.18 12.52 2.48
C ASP A 170 -7.49 11.29 3.33
N GLN A 171 -6.54 10.34 3.33
CA GLN A 171 -6.68 9.20 4.24
C GLN A 171 -7.09 9.63 5.65
N GLN A 172 -6.40 10.64 6.21
CA GLN A 172 -6.62 10.99 7.61
C GLN A 172 -8.03 11.51 7.79
N LEU A 173 -8.52 12.25 6.81
CA LEU A 173 -9.89 12.75 6.92
C LEU A 173 -10.89 11.61 6.84
N ALA A 174 -10.59 10.54 6.09
CA ALA A 174 -11.50 9.39 6.09
C ALA A 174 -11.47 8.70 7.45
N LEU A 175 -10.29 8.60 8.06
CA LEU A 175 -10.23 8.08 9.44
C LEU A 175 -11.09 8.91 10.37
N GLN A 176 -11.03 10.25 10.25
CA GLN A 176 -11.87 11.11 11.10
CA GLN A 176 -11.87 11.09 11.09
C GLN A 176 -13.34 10.80 10.84
N TRP A 177 -13.71 10.64 9.55
CA TRP A 177 -15.10 10.34 9.22
C TRP A 177 -15.57 9.09 9.94
N VAL A 178 -14.72 8.06 9.98
CA VAL A 178 -15.06 6.84 10.72
C VAL A 178 -15.24 7.15 12.21
N GLN A 179 -14.31 7.89 12.81
CA GLN A 179 -14.47 8.22 14.23
C GLN A 179 -15.84 8.90 14.49
N LYS A 180 -16.22 9.85 13.63
CA LYS A 180 -17.46 10.62 13.85
C LYS A 180 -18.73 9.83 13.49
N ASN A 181 -18.64 8.88 12.54
CA ASN A 181 -19.84 8.31 11.94
C ASN A 181 -20.00 6.81 12.07
N ILE A 182 -18.94 6.04 12.32
CA ILE A 182 -19.17 4.59 12.20
C ILE A 182 -20.11 4.02 13.27
N ALA A 183 -20.26 4.66 14.43
CA ALA A 183 -21.21 4.14 15.43
C ALA A 183 -22.64 4.07 14.86
N ALA A 184 -23.02 5.04 14.03
CA ALA A 184 -24.34 4.97 13.39
C ALA A 184 -24.50 3.71 12.55
N PHE A 185 -23.39 3.17 12.04
CA PHE A 185 -23.39 1.94 11.24
C PHE A 185 -23.23 0.68 12.08
N GLY A 186 -23.20 0.79 13.40
CA GLY A 186 -22.94 -0.37 14.23
C GLY A 186 -21.49 -0.63 14.56
N GLY A 187 -20.58 0.32 14.26
CA GLY A 187 -19.16 0.13 14.45
C GLY A 187 -18.68 0.69 15.77
N ASN A 188 -17.55 0.14 16.25
CA ASN A 188 -16.89 0.62 17.44
C ASN A 188 -15.71 1.53 17.06
N PRO A 189 -15.83 2.86 17.18
CA PRO A 189 -14.72 3.74 16.80
C PRO A 189 -13.50 3.57 17.71
N LYS A 190 -13.64 2.91 18.87
CA LYS A 190 -12.49 2.60 19.71
C LYS A 190 -11.81 1.29 19.33
N SER A 191 -12.30 0.57 18.31
CA SER A 191 -11.69 -0.69 17.83
C SER A 191 -11.57 -0.56 16.29
N VAL A 192 -10.58 0.20 15.83
CA VAL A 192 -10.31 0.46 14.41
C VAL A 192 -8.90 -0.03 14.09
N THR A 193 -8.79 -0.97 13.16
CA THR A 193 -7.49 -1.43 12.69
C THR A 193 -7.26 -0.95 11.25
N LEU A 194 -6.17 -0.21 11.01
CA LEU A 194 -5.77 0.15 9.64
C LEU A 194 -5.06 -1.06 9.03
N PHE A 195 -5.35 -1.34 7.74
CA PHE A 195 -4.51 -2.31 7.01
C PHE A 195 -4.34 -1.86 5.58
N GLY A 196 -3.19 -2.20 5.01
CA GLY A 196 -2.92 -1.76 3.66
C GLY A 196 -1.73 -2.53 3.13
N GLU A 197 -1.52 -2.42 1.83
CA GLU A 197 -0.44 -3.15 1.19
C GLU A 197 0.38 -2.19 0.34
N SER A 198 1.66 -2.50 0.17
CA SER A 198 2.61 -1.67 -0.57
C SER A 198 2.50 -0.19 -0.16
N ALA A 199 2.22 0.77 -1.07
CA ALA A 199 2.14 2.16 -0.58
C ALA A 199 1.07 2.34 0.48
N GLY A 200 0.05 1.46 0.47
CA GLY A 200 -0.95 1.52 1.53
C GLY A 200 -0.36 1.08 2.87
N ALA A 201 0.58 0.12 2.87
CA ALA A 201 1.25 -0.27 4.13
C ALA A 201 2.19 0.85 4.59
N ALA A 202 2.91 1.45 3.62
CA ALA A 202 3.76 2.58 3.96
C ALA A 202 2.93 3.69 4.58
N SER A 203 1.76 3.97 3.99
CA SER A 203 0.81 4.90 4.58
C SER A 203 0.46 4.52 6.01
N VAL A 204 0.03 3.27 6.21
CA VAL A 204 -0.33 2.83 7.56
C VAL A 204 0.81 3.15 8.50
N SER A 205 2.04 2.90 8.07
CA SER A 205 3.15 3.11 8.99
C SER A 205 3.36 4.60 9.28
N LEU A 206 3.02 5.48 8.34
CA LEU A 206 3.16 6.91 8.61
C LEU A 206 2.06 7.41 9.53
N HIS A 207 0.88 6.77 9.48
CA HIS A 207 -0.17 7.07 10.46
C HIS A 207 0.27 6.69 11.89
N LEU A 208 1.03 5.60 12.05
CA LEU A 208 1.66 5.34 13.36
C LEU A 208 2.57 6.49 13.79
N LEU A 209 3.25 7.17 12.85
CA LEU A 209 4.14 8.26 13.20
C LEU A 209 3.45 9.61 13.32
N SER A 210 2.25 9.79 12.79
CA SER A 210 1.73 11.15 12.66
C SER A 210 0.87 11.49 13.89
N PRO A 211 1.24 12.49 14.70
CA PRO A 211 0.41 12.84 15.89
C PRO A 211 -1.06 13.07 15.54
N GLY A 212 -1.35 13.66 14.38
CA GLY A 212 -2.73 13.88 13.99
C GLY A 212 -3.53 12.62 13.79
N SER A 213 -2.88 11.49 13.49
CA SER A 213 -3.63 10.25 13.30
C SER A 213 -3.75 9.42 14.57
N HIS A 214 -3.08 9.81 15.66
CA HIS A 214 -2.92 8.86 16.74
CA HIS A 214 -2.91 8.94 16.83
C HIS A 214 -4.25 8.50 17.38
N SER A 215 -5.17 9.44 17.55
CA SER A 215 -6.44 9.09 18.18
C SER A 215 -7.47 8.54 17.19
N LEU A 216 -7.12 8.35 15.92
CA LEU A 216 -8.05 7.93 14.87
C LEU A 216 -8.04 6.43 14.60
N PHE A 217 -7.23 5.65 15.33
CA PHE A 217 -7.23 4.20 15.10
C PHE A 217 -6.57 3.51 16.30
N THR A 218 -6.70 2.19 16.35
CA THR A 218 -6.21 1.38 17.48
C THR A 218 -4.95 0.59 17.15
N ARG A 219 -4.94 -0.13 16.03
CA ARG A 219 -3.93 -1.15 15.69
C ARG A 219 -3.63 -1.06 14.19
N ALA A 220 -2.57 -1.77 13.72
CA ALA A 220 -2.12 -1.55 12.36
C ALA A 220 -1.52 -2.83 11.78
N ILE A 221 -1.83 -3.06 10.51
CA ILE A 221 -1.37 -4.20 9.70
C ILE A 221 -0.66 -3.65 8.47
N LEU A 222 0.59 -4.11 8.24
CA LEU A 222 1.48 -3.63 7.17
C LEU A 222 1.82 -4.78 6.24
N GLN A 223 1.18 -4.86 5.06
CA GLN A 223 1.44 -5.92 4.09
C GLN A 223 2.39 -5.40 3.00
N SER A 224 3.58 -5.99 2.92
CA SER A 224 4.57 -5.60 1.91
C SER A 224 4.79 -4.08 1.79
N GLY A 225 5.02 -3.40 2.91
CA GLY A 225 5.53 -2.05 2.81
C GLY A 225 5.71 -1.43 4.17
N SER A 226 6.57 -0.40 4.22
CA SER A 226 6.78 0.43 5.39
C SER A 226 7.47 1.72 4.93
N PHE A 227 7.33 2.78 5.76
CA PHE A 227 7.85 4.07 5.30
C PHE A 227 9.37 4.05 5.12
N ASN A 228 10.08 3.16 5.82
CA ASN A 228 11.53 3.15 5.64
C ASN A 228 11.96 2.41 4.38
N ALA A 229 11.05 1.87 3.60
CA ALA A 229 11.42 1.32 2.31
C ALA A 229 12.03 2.43 1.44
N PRO A 230 13.02 2.11 0.61
CA PRO A 230 13.73 3.19 -0.13
C PRO A 230 12.84 4.01 -1.08
N TRP A 231 11.72 3.45 -1.55
CA TRP A 231 10.80 4.16 -2.46
C TRP A 231 9.74 4.99 -1.71
N ALA A 232 9.68 4.98 -0.38
CA ALA A 232 8.43 5.44 0.26
C ALA A 232 8.41 6.89 0.68
N VAL A 233 9.54 7.55 0.82
CA VAL A 233 9.52 8.93 1.26
C VAL A 233 10.42 9.71 0.31
N THR A 234 9.87 10.75 -0.31
CA THR A 234 10.63 11.59 -1.24
C THR A 234 11.40 12.66 -0.46
N SER A 235 12.68 12.83 -0.77
CA SER A 235 13.45 13.85 -0.07
C SER A 235 12.98 15.24 -0.45
N LEU A 236 13.15 16.20 0.49
CA LEU A 236 12.67 17.56 0.20
C LEU A 236 13.43 18.17 -0.97
N TYR A 237 14.65 17.69 -1.23
CA TYR A 237 15.38 18.17 -2.39
C TYR A 237 14.86 17.51 -3.65
N GLU A 238 14.65 16.20 -3.62
CA GLU A 238 13.97 15.55 -4.73
C GLU A 238 12.63 16.24 -5.01
N ALA A 239 11.86 16.53 -3.95
CA ALA A 239 10.51 17.02 -4.17
C ALA A 239 10.52 18.38 -4.83
N ARG A 240 11.43 19.26 -4.40
CA ARG A 240 11.50 20.57 -5.05
C ARG A 240 11.93 20.44 -6.51
N ASN A 241 12.99 19.67 -6.78
CA ASN A 241 13.42 19.48 -8.16
C ASN A 241 12.28 18.99 -9.03
N ARG A 242 11.40 18.14 -8.45
CA ARG A 242 10.36 17.51 -9.24
C ARG A 242 9.20 18.45 -9.44
N THR A 243 8.83 19.20 -8.41
CA THR A 243 7.82 20.24 -8.60
C THR A 243 8.30 21.25 -9.65
N LEU A 244 9.56 21.63 -9.61
CA LEU A 244 10.07 22.60 -10.59
C LEU A 244 10.13 22.02 -11.99
N ASN A 245 10.62 20.78 -12.13
CA ASN A 245 10.58 20.13 -13.44
C ASN A 245 9.17 20.03 -13.98
N LEU A 246 8.19 19.71 -13.13
CA LEU A 246 6.82 19.66 -13.62
C LEU A 246 6.38 21.05 -14.10
N ALA A 247 6.79 22.09 -13.39
CA ALA A 247 6.49 23.47 -13.79
C ALA A 247 7.06 23.79 -15.15
N LYS A 248 8.36 23.53 -15.35
CA LYS A 248 8.92 23.80 -16.67
C LYS A 248 8.20 23.01 -17.75
N LEU A 249 7.97 21.71 -17.51
CA LEU A 249 7.37 20.87 -18.53
C LEU A 249 5.96 21.31 -18.91
N THR A 250 5.28 22.05 -18.07
CA THR A 250 3.93 22.53 -18.36
C THR A 250 3.90 24.02 -18.67
N GLY A 251 5.06 24.65 -18.81
CA GLY A 251 5.07 26.08 -19.04
C GLY A 251 4.62 26.94 -17.88
N CYS A 252 4.77 26.44 -16.64
CA CYS A 252 4.31 27.14 -15.45
C CYS A 252 5.46 27.66 -14.60
N SER A 253 6.69 27.67 -15.12
CA SER A 253 7.78 28.29 -14.37
C SER A 253 7.45 29.75 -14.06
N ARG A 254 7.55 30.12 -12.79
CA ARG A 254 7.36 31.50 -12.36
C ARG A 254 8.45 31.78 -11.34
N GLU A 255 8.27 32.81 -10.53
CA GLU A 255 9.14 32.93 -9.38
C GLU A 255 8.38 33.17 -8.08
N ASN A 256 7.26 33.90 -8.11
CA ASN A 256 6.34 33.86 -6.99
C ASN A 256 5.86 32.41 -6.91
N GLU A 257 6.49 31.63 -6.03
CA GLU A 257 6.19 30.20 -5.88
CA GLU A 257 6.19 30.20 -5.89
C GLU A 257 4.70 29.90 -5.94
N THR A 258 3.90 30.75 -5.31
CA THR A 258 2.46 30.52 -5.33
C THR A 258 1.91 30.64 -6.75
N GLU A 259 2.58 31.39 -7.61
CA GLU A 259 2.10 31.55 -8.98
C GLU A 259 2.48 30.38 -9.88
N ILE A 260 3.53 29.65 -9.57
CA ILE A 260 3.68 28.34 -10.20
C ILE A 260 2.44 27.50 -9.93
N ILE A 261 1.99 27.48 -8.67
CA ILE A 261 0.86 26.64 -8.28
C ILE A 261 -0.41 27.11 -8.96
N LYS A 262 -0.66 28.42 -9.00
CA LYS A 262 -1.88 28.90 -9.62
C LYS A 262 -1.91 28.53 -11.09
N CYS A 263 -0.75 28.65 -11.76
CA CYS A 263 -0.63 28.19 -13.13
C CYS A 263 -0.88 26.69 -13.25
N LEU A 264 -0.28 25.90 -12.35
CA LEU A 264 -0.55 24.46 -12.41
C LEU A 264 -2.03 24.20 -12.18
N ARG A 265 -2.71 25.08 -11.45
CA ARG A 265 -4.12 24.88 -11.21
C ARG A 265 -4.98 25.12 -12.44
N ASN A 266 -4.46 25.75 -13.48
CA ASN A 266 -5.27 25.95 -14.67
C ASN A 266 -5.04 24.90 -15.74
N LYS A 267 -4.00 24.07 -15.58
CA LYS A 267 -3.80 22.96 -16.51
C LYS A 267 -4.88 21.89 -16.34
N ASP A 268 -5.21 21.21 -17.44
CA ASP A 268 -6.11 20.05 -17.38
C ASP A 268 -5.43 18.88 -16.67
N PRO A 269 -6.20 18.05 -15.97
CA PRO A 269 -5.58 16.88 -15.29
C PRO A 269 -4.68 16.10 -16.22
N GLN A 270 -5.09 15.93 -17.48
CA GLN A 270 -4.31 15.15 -18.42
CA GLN A 270 -4.29 15.13 -18.40
C GLN A 270 -2.93 15.76 -18.64
N GLU A 271 -2.84 17.09 -18.62
CA GLU A 271 -1.51 17.66 -18.88
C GLU A 271 -0.58 17.42 -17.70
N ILE A 272 -1.11 17.55 -16.49
CA ILE A 272 -0.33 17.25 -15.28
C ILE A 272 0.11 15.78 -15.30
N LEU A 273 -0.81 14.88 -15.61
CA LEU A 273 -0.49 13.45 -15.58
C LEU A 273 0.53 13.09 -16.64
N LEU A 274 0.38 13.68 -17.84
CA LEU A 274 1.28 13.34 -18.91
C LEU A 274 2.73 13.69 -18.57
N ASN A 275 2.95 14.75 -17.82
CA ASN A 275 4.30 15.18 -17.54
C ASN A 275 4.90 14.60 -16.25
N GLU A 276 4.09 13.96 -15.41
CA GLU A 276 4.59 13.40 -14.16
C GLU A 276 5.76 12.45 -14.37
N ALA A 277 5.70 11.62 -15.43
CA ALA A 277 6.71 10.57 -15.59
C ALA A 277 8.10 11.13 -15.79
N PHE A 278 8.20 12.32 -16.37
CA PHE A 278 9.47 12.87 -16.80
C PHE A 278 10.11 13.80 -15.78
N VAL A 279 9.50 14.01 -14.61
CA VAL A 279 10.14 14.91 -13.66
C VAL A 279 11.42 14.30 -13.10
N VAL A 280 11.65 13.01 -13.29
CA VAL A 280 12.85 12.34 -12.79
C VAL A 280 13.71 11.97 -14.01
N PRO A 281 15.02 12.27 -13.99
CA PRO A 281 15.83 12.01 -15.19
C PRO A 281 15.86 10.54 -15.58
N TYR A 282 16.10 9.65 -14.63
N TYR A 282 16.01 9.66 -14.59
CA TYR A 282 16.29 8.26 -15.01
CA TYR A 282 16.01 8.21 -14.79
C TYR A 282 15.06 7.43 -14.68
C TYR A 282 14.91 7.59 -13.95
N GLY A 283 14.77 7.27 -13.39
N GLY A 283 13.92 6.98 -14.61
CA GLY A 283 13.61 6.53 -12.97
CA GLY A 283 12.76 6.43 -13.92
C GLY A 283 13.81 5.03 -13.07
C GLY A 283 11.94 5.54 -14.81
N THR A 284 13.27 4.33 -12.10
N THR A 284 11.17 4.66 -14.17
CA THR A 284 13.26 2.89 -12.04
CA THR A 284 10.50 3.56 -14.86
C THR A 284 11.82 2.40 -12.19
C THR A 284 8.98 3.70 -14.73
N PRO A 285 11.61 1.08 -12.37
N PRO A 285 8.17 2.81 -15.33
CA PRO A 285 10.24 0.57 -12.29
CA PRO A 285 6.72 2.86 -15.11
C PRO A 285 9.63 0.80 -10.93
C PRO A 285 6.32 2.75 -13.65
N LEU A 286 10.45 1.14 -9.94
N LEU A 286 7.25 2.44 -12.76
CA LEU A 286 10.01 1.49 -8.60
CA LEU A 286 6.91 2.16 -11.38
C LEU A 286 9.79 2.97 -8.45
C LEU A 286 7.55 3.12 -10.39
N SER A 287 9.59 3.67 -9.56
N SER A 287 8.31 4.11 -10.84
CA SER A 287 9.58 5.13 -9.59
CA SER A 287 9.02 4.99 -9.92
C SER A 287 8.34 5.68 -8.90
C SER A 287 8.03 5.85 -9.14
N VAL A 288 8.56 6.29 -7.76
N VAL A 288 8.42 6.22 -7.91
CA VAL A 288 7.56 7.02 -7.02
C VAL A 288 7.87 8.48 -7.28
N ASN A 289 7.32 9.02 -8.36
CA ASN A 289 7.64 10.39 -8.79
C ASN A 289 7.24 11.40 -7.72
N PHE A 290 6.03 11.29 -7.19
CA PHE A 290 5.50 12.20 -6.18
C PHE A 290 5.03 11.35 -5.01
N GLY A 291 5.73 11.42 -3.89
CA GLY A 291 5.38 10.64 -2.72
C GLY A 291 5.36 11.46 -1.45
N PRO A 292 5.19 10.78 -0.31
CA PRO A 292 5.22 11.51 0.99
C PRO A 292 6.52 12.27 1.17
N THR A 293 6.43 13.40 1.86
CA THR A 293 7.58 14.22 2.18
C THR A 293 7.50 14.63 3.65
N VAL A 294 8.63 15.12 4.16
CA VAL A 294 8.64 15.72 5.48
C VAL A 294 8.05 17.12 5.32
N ASP A 295 6.78 17.26 5.62
CA ASP A 295 6.07 18.52 5.37
C ASP A 295 5.98 19.43 6.60
N GLY A 296 6.46 18.99 7.77
CA GLY A 296 6.22 19.75 8.98
C GLY A 296 4.79 19.79 9.46
N ASP A 297 3.94 18.92 8.95
CA ASP A 297 2.53 18.91 9.36
C ASP A 297 2.09 17.48 9.68
N PHE A 298 1.82 16.70 8.64
CA PHE A 298 1.59 15.27 8.81
C PHE A 298 2.83 14.59 9.40
N LEU A 299 3.98 14.96 8.87
CA LEU A 299 5.29 14.40 9.20
C LEU A 299 6.16 15.53 9.75
N THR A 300 6.45 15.48 11.07
CA THR A 300 7.17 16.56 11.72
C THR A 300 8.69 16.43 11.62
N ASP A 301 9.21 15.32 11.14
CA ASP A 301 10.65 15.14 11.10
C ASP A 301 10.91 13.97 10.17
N MET A 302 12.15 13.80 9.76
CA MET A 302 12.47 12.65 8.96
C MET A 302 12.03 11.38 9.69
N PRO A 303 11.25 10.52 9.03
CA PRO A 303 10.61 9.42 9.78
C PRO A 303 11.61 8.39 10.32
N ASP A 304 12.75 8.24 9.67
CA ASP A 304 13.76 7.34 10.23
C ASP A 304 14.18 7.80 11.63
N ILE A 305 14.25 9.11 11.85
CA ILE A 305 14.61 9.62 13.17
C ILE A 305 13.50 9.30 14.17
N LEU A 306 12.23 9.53 13.77
CA LEU A 306 11.10 9.25 14.65
C LEU A 306 11.04 7.76 15.04
N LEU A 307 11.32 6.88 14.07
CA LEU A 307 11.30 5.44 14.34
C LEU A 307 12.38 5.07 15.35
N GLU A 308 13.61 5.50 15.05
CA GLU A 308 14.78 5.16 15.87
C GLU A 308 14.63 5.65 17.30
N LEU A 309 13.99 6.80 17.51
CA LEU A 309 13.85 7.42 18.83
C LEU A 309 12.50 7.17 19.47
N GLY A 310 11.73 6.24 18.92
CA GLY A 310 10.55 5.77 19.60
C GLY A 310 9.39 6.73 19.57
N GLN A 311 9.37 7.69 18.63
CA GLN A 311 8.30 8.70 18.59
C GLN A 311 7.18 8.21 17.68
N PHE A 312 6.34 7.31 18.21
CA PHE A 312 5.24 6.76 17.42
C PHE A 312 4.21 6.15 18.35
N LYS A 313 3.04 5.87 17.76
CA LYS A 313 1.91 5.37 18.52
C LYS A 313 2.24 3.99 19.09
N LYS A 314 2.00 3.81 20.38
CA LYS A 314 2.36 2.58 21.08
C LYS A 314 1.17 1.63 21.00
N THR A 315 1.28 0.60 20.15
CA THR A 315 0.18 -0.33 19.94
C THR A 315 0.76 -1.58 19.28
N GLN A 316 -0.10 -2.58 19.03
CA GLN A 316 0.34 -3.83 18.35
C GLN A 316 0.38 -3.64 16.84
N ILE A 317 1.33 -4.31 16.19
CA ILE A 317 1.40 -4.33 14.73
C ILE A 317 1.54 -5.76 14.22
N LEU A 318 1.02 -5.96 13.02
CA LEU A 318 1.20 -7.17 12.24
C LEU A 318 1.81 -6.78 10.91
N VAL A 319 2.93 -7.39 10.57
CA VAL A 319 3.75 -6.94 9.44
C VAL A 319 4.11 -8.19 8.65
N GLY A 320 4.19 -8.08 7.33
CA GLY A 320 4.78 -9.23 6.64
C GLY A 320 5.08 -8.93 5.19
N VAL A 321 5.63 -9.94 4.50
CA VAL A 321 6.10 -9.80 3.12
C VAL A 321 5.86 -11.12 2.42
N ASN A 322 5.93 -11.09 1.10
CA ASN A 322 5.74 -12.24 0.25
C ASN A 322 7.10 -12.74 -0.22
N LYS A 323 7.16 -14.01 -0.57
CA LYS A 323 8.43 -14.67 -0.90
C LYS A 323 9.13 -14.04 -2.10
N ASP A 324 8.37 -13.65 -3.14
CA ASP A 324 9.04 -13.08 -4.31
C ASP A 324 8.58 -11.64 -4.60
N GLU A 325 8.72 -10.74 -3.61
CA GLU A 325 8.35 -9.34 -3.82
C GLU A 325 8.99 -8.71 -5.07
N GLY A 326 10.24 -9.05 -5.39
CA GLY A 326 10.93 -8.31 -6.45
C GLY A 326 10.51 -8.63 -7.91
N THR A 327 9.93 -9.82 -8.18
CA THR A 327 9.85 -10.32 -9.57
C THR A 327 8.96 -9.45 -10.47
N ALA A 328 7.83 -8.98 -9.93
CA ALA A 328 6.92 -8.10 -10.69
C ALA A 328 7.65 -6.96 -11.37
N PHE A 329 8.68 -6.38 -10.71
CA PHE A 329 9.32 -5.18 -11.24
C PHE A 329 10.22 -5.48 -12.41
N LEU A 330 10.67 -6.71 -12.52
CA LEU A 330 11.65 -7.08 -13.54
C LEU A 330 11.06 -7.01 -14.96
N VAL A 331 9.77 -7.23 -15.13
CA VAL A 331 9.22 -7.23 -16.49
C VAL A 331 8.80 -5.83 -16.91
N TYR A 332 9.06 -4.82 -16.08
CA TYR A 332 8.85 -3.42 -16.49
C TYR A 332 10.16 -2.73 -16.88
N GLY A 333 11.05 -3.43 -17.56
CA GLY A 333 12.23 -2.72 -18.02
C GLY A 333 13.55 -3.48 -18.00
N ALA A 334 13.74 -4.42 -17.07
CA ALA A 334 15.04 -5.10 -17.00
C ALA A 334 15.29 -5.91 -18.26
N PRO A 335 16.47 -5.76 -18.89
CA PRO A 335 16.67 -6.44 -20.18
C PRO A 335 16.75 -7.93 -19.98
N GLY A 336 16.23 -8.66 -20.96
CA GLY A 336 16.21 -10.11 -20.96
C GLY A 336 15.00 -10.70 -20.30
N PHE A 337 14.14 -9.86 -19.73
CA PHE A 337 13.03 -10.39 -18.96
C PHE A 337 11.76 -10.32 -19.81
N SER A 338 10.90 -11.31 -19.62
CA SER A 338 9.59 -11.24 -20.24
C SER A 338 8.66 -12.14 -19.44
N LYS A 339 7.40 -11.75 -19.32
CA LYS A 339 6.51 -12.68 -18.67
C LYS A 339 6.19 -13.89 -19.53
N ASP A 340 6.47 -13.83 -20.85
CA ASP A 340 6.10 -14.88 -21.78
C ASP A 340 7.24 -15.87 -22.09
N ASN A 341 8.33 -15.85 -21.32
CA ASN A 341 9.39 -16.88 -21.41
C ASN A 341 10.07 -16.97 -20.03
N ASN A 342 11.00 -17.91 -19.88
CA ASN A 342 11.53 -18.15 -18.53
C ASN A 342 12.66 -17.19 -18.15
N SER A 343 12.96 -16.18 -18.98
CA SER A 343 13.77 -15.03 -18.59
C SER A 343 15.13 -15.43 -18.02
N ILE A 344 15.73 -16.49 -18.58
CA ILE A 344 17.13 -16.81 -18.26
C ILE A 344 18.03 -15.66 -18.71
N ILE A 345 18.62 -14.95 -17.77
CA ILE A 345 19.46 -13.82 -18.13
C ILE A 345 20.90 -14.17 -17.83
N THR A 346 21.80 -13.43 -18.45
CA THR A 346 23.23 -13.60 -18.25
C THR A 346 23.77 -12.63 -17.20
N ARG A 347 25.05 -12.81 -16.89
CA ARG A 347 25.75 -11.86 -16.01
C ARG A 347 25.62 -10.44 -16.54
N LYS A 348 25.81 -10.24 -17.85
CA LYS A 348 25.78 -8.87 -18.35
C LYS A 348 24.39 -8.26 -18.22
N GLU A 349 23.36 -9.06 -18.46
CA GLU A 349 21.99 -8.57 -18.30
C GLU A 349 21.69 -8.24 -16.84
N PHE A 350 22.11 -9.13 -15.94
CA PHE A 350 22.04 -8.81 -14.51
C PHE A 350 22.64 -7.45 -14.20
N GLN A 351 23.88 -7.20 -14.64
CA GLN A 351 24.52 -5.90 -14.36
C GLN A 351 23.72 -4.77 -14.96
N GLU A 352 23.22 -4.96 -16.19
CA GLU A 352 22.36 -3.97 -16.80
C GLU A 352 21.11 -3.75 -15.97
N GLY A 353 20.54 -4.84 -15.44
CA GLY A 353 19.36 -4.71 -14.57
C GLY A 353 19.64 -3.88 -13.34
N LEU A 354 20.81 -4.09 -12.71
CA LEU A 354 21.17 -3.25 -11.56
C LEU A 354 21.17 -1.76 -11.93
N LYS A 355 21.63 -1.43 -13.13
CA LYS A 355 21.70 -0.01 -13.49
C LYS A 355 20.30 0.59 -13.59
N ILE A 356 19.31 -0.22 -13.99
CA ILE A 356 17.92 0.24 -14.09
C ILE A 356 17.32 0.43 -12.70
N PHE A 357 17.61 -0.48 -11.77
CA PHE A 357 17.02 -0.41 -10.44
C PHE A 357 17.80 0.43 -9.45
N PHE A 358 19.05 0.77 -9.76
CA PHE A 358 19.89 1.57 -8.86
C PHE A 358 20.59 2.67 -9.66
N PRO A 359 19.82 3.60 -10.26
CA PRO A 359 20.40 4.42 -11.33
C PRO A 359 21.49 5.39 -10.90
N GLY A 360 21.34 6.07 -9.77
CA GLY A 360 22.34 7.04 -9.34
C GLY A 360 23.25 6.48 -8.25
N VAL A 361 23.50 5.18 -8.33
CA VAL A 361 24.38 4.48 -7.39
C VAL A 361 25.73 4.30 -8.06
N SER A 362 26.81 4.44 -7.28
CA SER A 362 28.14 4.35 -7.85
C SER A 362 28.41 2.97 -8.41
N GLU A 363 29.43 2.88 -9.27
CA GLU A 363 29.87 1.59 -9.77
C GLU A 363 30.19 0.65 -8.62
N PHE A 364 30.84 1.17 -7.58
CA PHE A 364 31.21 0.31 -6.44
C PHE A 364 29.96 -0.20 -5.72
N GLY A 365 28.98 0.67 -5.49
CA GLY A 365 27.70 0.22 -4.94
C GLY A 365 27.13 -0.95 -5.70
N LYS A 366 27.08 -0.85 -7.05
CA LYS A 366 26.46 -1.92 -7.82
C LYS A 366 27.31 -3.18 -7.80
N GLU A 367 28.63 -3.02 -7.79
CA GLU A 367 29.49 -4.19 -7.66
C GLU A 367 29.28 -4.87 -6.32
N SER A 368 29.00 -4.08 -5.29
CA SER A 368 28.83 -4.70 -3.97
C SER A 368 27.54 -5.50 -3.93
N ILE A 369 26.49 -5.04 -4.62
CA ILE A 369 25.26 -5.86 -4.75
C ILE A 369 25.60 -7.15 -5.47
N LEU A 370 26.30 -7.04 -6.60
CA LEU A 370 26.62 -8.22 -7.38
C LEU A 370 27.43 -9.21 -6.55
N PHE A 371 28.41 -8.71 -5.79
CA PHE A 371 29.22 -9.57 -4.92
C PHE A 371 28.36 -10.32 -3.90
N HIS A 372 27.42 -9.63 -3.25
N HIS A 372 27.39 -9.64 -3.29
CA HIS A 372 26.62 -10.29 -2.24
CA HIS A 372 26.62 -10.27 -2.22
C HIS A 372 25.73 -11.38 -2.84
C HIS A 372 25.52 -11.20 -2.71
N TYR A 373 25.11 -11.10 -3.97
CA TYR A 373 24.06 -11.96 -4.51
C TYR A 373 24.53 -12.98 -5.54
N THR A 374 25.83 -13.04 -5.89
CA THR A 374 26.22 -13.97 -6.96
C THR A 374 27.26 -14.99 -6.50
N ASP A 375 27.36 -15.28 -5.22
CA ASP A 375 28.25 -16.38 -4.84
C ASP A 375 27.39 -17.63 -4.74
N TRP A 376 27.34 -18.34 -5.87
CA TRP A 376 26.37 -19.39 -6.13
C TRP A 376 26.68 -20.65 -5.33
N VAL A 377 25.63 -21.44 -5.11
CA VAL A 377 25.83 -22.80 -4.64
C VAL A 377 26.20 -23.74 -5.80
N ASP A 378 25.75 -23.45 -7.04
CA ASP A 378 26.22 -24.13 -8.25
C ASP A 378 26.46 -23.10 -9.34
N ASP A 379 27.69 -23.08 -9.85
CA ASP A 379 28.12 -22.17 -10.91
C ASP A 379 27.19 -22.17 -12.11
N GLN A 380 26.59 -23.31 -12.40
CA GLN A 380 26.07 -23.57 -13.74
C GLN A 380 24.55 -23.64 -13.81
N ARG A 381 23.83 -23.28 -12.74
CA ARG A 381 22.36 -23.26 -12.83
C ARG A 381 21.90 -22.09 -13.70
N PRO A 382 21.18 -22.35 -14.80
CA PRO A 382 20.88 -21.25 -15.76
C PRO A 382 20.09 -20.10 -15.16
N GLU A 383 19.26 -20.34 -14.15
CA GLU A 383 18.41 -19.29 -13.61
C GLU A 383 19.07 -18.49 -12.50
N ASN A 384 20.38 -18.68 -12.27
CA ASN A 384 21.10 -18.01 -11.18
C ASN A 384 20.86 -16.51 -11.21
N TYR A 385 21.19 -15.87 -12.31
CA TYR A 385 21.10 -14.42 -12.35
C TYR A 385 19.65 -13.95 -12.33
N ARG A 386 18.77 -14.69 -13.00
CA ARG A 386 17.33 -14.35 -12.96
C ARG A 386 16.82 -14.31 -11.54
N GLU A 387 17.10 -15.35 -10.77
CA GLU A 387 16.62 -15.39 -9.40
C GLU A 387 17.29 -14.35 -8.54
N ALA A 388 18.59 -14.09 -8.79
CA ALA A 388 19.29 -13.11 -7.95
C ALA A 388 18.74 -11.71 -8.14
N LEU A 389 18.42 -11.35 -9.38
CA LEU A 389 17.96 -9.98 -9.61
C LEU A 389 16.63 -9.77 -8.89
N GLY A 390 15.76 -10.78 -8.92
CA GLY A 390 14.48 -10.65 -8.23
C GLY A 390 14.66 -10.54 -6.74
N ASP A 391 15.59 -11.32 -6.18
CA ASP A 391 15.84 -11.23 -4.74
C ASP A 391 16.47 -9.90 -4.36
N VAL A 392 17.38 -9.39 -5.20
CA VAL A 392 17.93 -8.05 -4.98
C VAL A 392 16.79 -7.04 -4.84
N VAL A 393 15.90 -7.03 -5.83
CA VAL A 393 14.88 -5.99 -5.83
C VAL A 393 13.94 -6.17 -4.65
N GLY A 394 13.60 -7.42 -4.33
CA GLY A 394 12.64 -7.66 -3.28
C GLY A 394 13.21 -7.42 -1.89
N ASP A 395 14.49 -7.82 -1.68
CA ASP A 395 15.10 -7.60 -0.36
C ASP A 395 15.31 -6.11 -0.09
N TYR A 396 15.81 -5.36 -1.09
CA TYR A 396 16.11 -3.95 -0.87
C TYR A 396 14.83 -3.16 -0.65
N ASN A 397 13.81 -3.41 -1.51
CA ASN A 397 12.65 -2.52 -1.56
C ASN A 397 11.57 -2.89 -0.56
N PHE A 398 11.49 -4.16 -0.13
CA PHE A 398 10.39 -4.60 0.74
C PHE A 398 10.82 -5.38 2.00
N ILE A 399 11.56 -6.47 1.82
CA ILE A 399 11.72 -7.39 2.93
C ILE A 399 12.60 -6.78 4.02
N CYS A 400 13.85 -6.36 3.68
CA CYS A 400 14.72 -5.81 4.72
C CYS A 400 14.12 -4.56 5.36
N PRO A 401 13.48 -3.63 4.62
CA PRO A 401 12.83 -2.52 5.32
C PRO A 401 11.72 -2.96 6.25
N ALA A 402 10.92 -3.98 5.84
CA ALA A 402 9.82 -4.41 6.70
C ALA A 402 10.38 -5.04 7.98
N LEU A 403 11.44 -5.83 7.85
CA LEU A 403 12.04 -6.44 9.05
C LEU A 403 12.64 -5.38 9.95
N GLU A 404 13.28 -4.35 9.38
CA GLU A 404 13.92 -3.32 10.21
C GLU A 404 12.85 -2.49 10.93
N PHE A 405 11.79 -2.13 10.20
CA PHE A 405 10.65 -1.47 10.84
C PHE A 405 10.15 -2.28 12.04
N THR A 406 9.95 -3.58 11.84
CA THR A 406 9.36 -4.40 12.90
C THR A 406 10.33 -4.48 14.09
N LYS A 407 11.61 -4.63 13.82
CA LYS A 407 12.57 -4.69 14.94
C LYS A 407 12.54 -3.38 15.72
N LYS A 408 12.60 -2.26 15.00
CA LYS A 408 12.73 -0.96 15.66
C LYS A 408 11.46 -0.62 16.40
N PHE A 409 10.31 -1.07 15.88
CA PHE A 409 9.04 -0.80 16.53
C PHE A 409 8.87 -1.68 17.77
N SER A 410 9.24 -2.95 17.67
CA SER A 410 9.10 -3.82 18.83
C SER A 410 10.07 -3.45 19.95
N GLU A 411 11.17 -2.76 19.64
CA GLU A 411 12.16 -2.46 20.69
C GLU A 411 11.59 -1.49 21.72
N TRP A 412 10.48 -0.82 21.41
CA TRP A 412 9.85 0.09 22.36
C TRP A 412 8.73 -0.56 23.14
N GLY A 413 8.67 -1.88 23.16
CA GLY A 413 7.81 -2.53 24.12
C GLY A 413 6.55 -3.15 23.58
N ASN A 414 6.19 -2.95 22.31
CA ASN A 414 4.87 -3.39 21.84
C ASN A 414 4.96 -4.75 21.18
N ASN A 415 3.86 -5.50 21.28
CA ASN A 415 3.79 -6.77 20.58
C ASN A 415 3.74 -6.52 19.06
N ALA A 416 4.61 -7.23 18.35
CA ALA A 416 4.62 -7.25 16.88
C ALA A 416 4.61 -8.70 16.41
N PHE A 417 3.92 -8.94 15.31
CA PHE A 417 3.81 -10.25 14.69
C PHE A 417 4.23 -10.17 13.23
N PHE A 418 5.09 -11.08 12.77
CA PHE A 418 5.65 -10.95 11.42
C PHE A 418 5.32 -12.22 10.65
N TYR A 419 4.89 -12.08 9.39
CA TYR A 419 4.67 -13.26 8.55
C TYR A 419 5.50 -13.25 7.27
N TYR A 420 5.59 -14.45 6.70
CA TYR A 420 6.26 -14.65 5.43
C TYR A 420 5.31 -15.46 4.56
N PHE A 421 4.70 -14.79 3.58
CA PHE A 421 3.65 -15.42 2.79
C PHE A 421 4.31 -16.12 1.60
N GLU A 422 4.13 -17.43 1.49
CA GLU A 422 4.88 -18.13 0.44
C GLU A 422 3.97 -19.03 -0.40
N HIS A 423 2.67 -18.71 -0.52
CA HIS A 423 1.78 -19.48 -1.38
C HIS A 423 1.57 -18.80 -2.73
N ARG A 424 1.82 -19.52 -3.81
CA ARG A 424 1.52 -19.02 -5.15
C ARG A 424 0.09 -19.39 -5.57
N SER A 425 -0.73 -18.39 -5.86
CA SER A 425 -2.14 -18.62 -6.18
C SER A 425 -2.27 -19.59 -7.36
N SER A 426 -3.16 -20.57 -7.24
CA SER A 426 -3.37 -21.48 -8.36
C SER A 426 -3.87 -20.75 -9.60
N LYS A 427 -4.50 -19.58 -9.43
CA LYS A 427 -5.04 -18.84 -10.56
C LYS A 427 -4.06 -17.80 -11.10
N LEU A 428 -2.84 -17.72 -10.57
CA LEU A 428 -1.97 -16.61 -10.93
C LEU A 428 -1.73 -16.56 -12.44
N PRO A 429 -1.99 -15.43 -13.10
CA PRO A 429 -1.83 -15.37 -14.56
C PRO A 429 -0.39 -15.10 -15.01
N TRP A 430 0.46 -14.66 -14.09
CA TRP A 430 1.86 -14.46 -14.39
C TRP A 430 2.59 -15.80 -14.40
N PRO A 431 3.78 -15.88 -15.03
CA PRO A 431 4.44 -17.18 -15.17
C PRO A 431 5.01 -17.68 -13.85
N GLU A 432 5.28 -18.99 -13.83
CA GLU A 432 5.73 -19.61 -12.59
C GLU A 432 7.05 -19.03 -12.09
N TRP A 433 7.93 -18.60 -12.98
CA TRP A 433 9.24 -18.10 -12.53
C TRP A 433 9.11 -16.86 -11.65
N MET A 434 8.02 -16.11 -11.76
CA MET A 434 7.81 -14.96 -10.89
C MET A 434 7.35 -15.31 -9.48
N GLY A 435 6.94 -16.56 -9.23
CA GLY A 435 6.80 -17.05 -7.87
C GLY A 435 5.64 -16.39 -7.13
N VAL A 436 5.87 -16.07 -5.85
CA VAL A 436 4.85 -15.54 -4.92
C VAL A 436 4.95 -14.00 -4.97
N MET A 437 4.21 -13.42 -5.87
CA MET A 437 4.49 -12.05 -6.28
C MET A 437 3.95 -11.02 -5.30
N HIS A 438 4.53 -9.82 -5.41
CA HIS A 438 4.04 -8.63 -4.77
C HIS A 438 2.57 -8.39 -5.14
N GLY A 439 1.72 -8.23 -4.12
CA GLY A 439 0.29 -8.00 -4.35
C GLY A 439 -0.59 -9.23 -4.23
N TYR A 440 -0.01 -10.44 -4.26
CA TYR A 440 -0.86 -11.60 -4.45
C TYR A 440 -1.15 -12.35 -3.16
N GLU A 441 -0.94 -11.72 -2.02
CA GLU A 441 -1.55 -12.19 -0.79
C GLU A 441 -2.88 -11.50 -0.54
N ILE A 442 -3.12 -10.39 -1.23
CA ILE A 442 -4.27 -9.57 -0.90
C ILE A 442 -5.55 -10.38 -1.04
N GLU A 443 -5.69 -11.13 -2.16
CA GLU A 443 -6.94 -11.84 -2.37
C GLU A 443 -7.18 -12.88 -1.25
N PHE A 444 -6.12 -13.40 -0.61
CA PHE A 444 -6.33 -14.30 0.53
C PHE A 444 -6.80 -13.55 1.75
N VAL A 445 -6.21 -12.38 2.02
CA VAL A 445 -6.63 -11.54 3.14
C VAL A 445 -8.10 -11.17 3.02
N PHE A 446 -8.56 -10.81 1.80
CA PHE A 446 -9.94 -10.37 1.63
C PHE A 446 -10.91 -11.56 1.43
N GLY A 447 -10.39 -12.80 1.42
CA GLY A 447 -11.27 -13.95 1.48
C GLY A 447 -11.84 -14.36 0.14
N LEU A 448 -11.24 -13.91 -0.96
CA LEU A 448 -11.76 -14.31 -2.26
C LEU A 448 -11.79 -15.82 -2.44
N PRO A 449 -10.79 -16.58 -1.97
CA PRO A 449 -10.87 -18.04 -2.14
C PRO A 449 -11.94 -18.69 -1.29
N LEU A 450 -12.67 -17.95 -0.48
CA LEU A 450 -13.78 -18.55 0.24
C LEU A 450 -14.95 -18.80 -0.69
N GLU A 451 -14.96 -18.14 -1.85
CA GLU A 451 -15.98 -18.33 -2.86
C GLU A 451 -15.62 -19.56 -3.67
N ARG A 452 -16.26 -20.69 -3.34
CA ARG A 452 -15.99 -21.95 -4.04
C ARG A 452 -16.30 -21.86 -5.53
N ARG A 453 -17.22 -20.98 -5.93
CA ARG A 453 -17.53 -20.83 -7.35
C ARG A 453 -16.35 -20.29 -8.16
N ASP A 454 -15.24 -19.95 -7.52
CA ASP A 454 -14.26 -19.08 -8.17
C ASP A 454 -12.90 -19.74 -8.40
N GLN A 455 -12.85 -21.05 -8.64
CA GLN A 455 -11.70 -21.72 -9.24
C GLN A 455 -10.46 -21.90 -8.33
N TYR A 456 -10.48 -21.44 -7.09
CA TYR A 456 -9.39 -21.76 -6.17
C TYR A 456 -9.50 -23.20 -5.68
N THR A 457 -8.37 -23.76 -5.21
CA THR A 457 -8.36 -25.11 -4.64
C THR A 457 -8.91 -25.14 -3.22
N LYS A 458 -9.19 -26.37 -2.75
CA LYS A 458 -9.65 -26.53 -1.37
C LYS A 458 -8.59 -26.05 -0.38
N ALA A 459 -7.32 -26.37 -0.65
CA ALA A 459 -6.28 -25.94 0.26
C ALA A 459 -6.21 -24.41 0.34
N GLU A 460 -6.49 -23.72 -0.78
CA GLU A 460 -6.48 -22.26 -0.79
C GLU A 460 -7.67 -21.70 -0.03
N GLU A 461 -8.82 -22.38 -0.12
CA GLU A 461 -9.94 -22.02 0.73
C GLU A 461 -9.54 -22.10 2.20
N ILE A 462 -8.92 -23.20 2.60
CA ILE A 462 -8.55 -23.34 4.01
C ILE A 462 -7.54 -22.26 4.41
N LEU A 463 -6.54 -22.01 3.57
CA LEU A 463 -5.54 -20.97 3.87
C LEU A 463 -6.20 -19.60 3.99
N SER A 464 -7.04 -19.22 3.02
CA SER A 464 -7.65 -17.91 3.14
C SER A 464 -8.51 -17.85 4.42
N ARG A 465 -9.24 -18.92 4.73
CA ARG A 465 -10.07 -18.92 5.94
C ARG A 465 -9.22 -18.71 7.17
N SER A 466 -8.05 -19.33 7.20
CA SER A 466 -7.23 -19.17 8.38
C SER A 466 -6.65 -17.75 8.46
N ILE A 467 -6.18 -17.20 7.34
CA ILE A 467 -5.64 -15.83 7.32
C ILE A 467 -6.72 -14.84 7.74
N VAL A 468 -7.94 -15.01 7.20
CA VAL A 468 -9.02 -14.10 7.54
C VAL A 468 -9.29 -14.11 9.05
N LYS A 469 -9.31 -15.30 9.65
CA LYS A 469 -9.54 -15.40 11.09
C LYS A 469 -8.39 -14.72 11.87
N ARG A 470 -7.13 -14.96 11.47
CA ARG A 470 -6.01 -14.35 12.18
C ARG A 470 -6.05 -12.80 12.07
N TRP A 471 -6.30 -12.29 10.86
CA TRP A 471 -6.42 -10.85 10.69
C TRP A 471 -7.52 -10.29 11.57
N ALA A 472 -8.69 -10.95 11.60
CA ALA A 472 -9.84 -10.49 12.38
C ALA A 472 -9.54 -10.55 13.86
N ASN A 473 -8.91 -11.63 14.31
CA ASN A 473 -8.50 -11.71 15.70
C ASN A 473 -7.50 -10.64 16.04
N PHE A 474 -6.57 -10.33 15.11
CA PHE A 474 -5.65 -9.24 15.39
C PHE A 474 -6.39 -7.93 15.57
N ALA A 475 -7.29 -7.63 14.64
CA ALA A 475 -8.04 -6.37 14.75
C ALA A 475 -8.83 -6.31 16.05
N LYS A 476 -9.57 -7.39 16.35
CA LYS A 476 -10.46 -7.38 17.51
C LYS A 476 -9.69 -7.42 18.83
N TYR A 477 -8.65 -8.24 18.91
CA TYR A 477 -8.03 -8.63 20.19
C TYR A 477 -6.54 -8.34 20.27
N GLY A 478 -5.90 -7.91 19.17
CA GLY A 478 -4.48 -7.59 19.20
C GLY A 478 -3.60 -8.81 19.14
N ASN A 479 -4.11 -9.92 18.71
CA ASN A 479 -3.40 -11.21 18.74
C ASN A 479 -3.81 -12.13 17.60
N PRO A 480 -2.93 -12.36 16.52
CA PRO A 480 -3.39 -12.99 15.28
C PRO A 480 -3.40 -14.51 15.35
N GLN A 481 -4.08 -15.07 16.36
CA GLN A 481 -4.17 -16.51 16.48
C GLN A 481 -5.42 -17.02 15.79
N GLU A 482 -5.35 -18.31 15.40
CA GLU A 482 -6.50 -19.13 15.06
C GLU A 482 -6.62 -20.14 16.20
N THR A 483 -7.55 -19.92 17.12
CA THR A 483 -7.48 -20.65 18.39
C THR A 483 -8.22 -21.99 18.40
N GLN A 484 -8.96 -22.32 17.36
CA GLN A 484 -9.91 -23.42 17.44
C GLN A 484 -9.50 -24.67 16.69
N ASN A 485 -8.64 -24.58 15.71
CA ASN A 485 -8.45 -25.70 14.79
C ASN A 485 -7.04 -26.27 14.88
N GLN A 486 -6.48 -26.30 16.09
CA GLN A 486 -5.16 -26.88 16.35
C GLN A 486 -4.08 -26.26 15.47
N SER A 487 -4.04 -24.93 15.45
CA SER A 487 -3.16 -24.19 14.56
C SER A 487 -1.85 -23.87 15.26
N THR A 488 -0.80 -23.72 14.45
CA THR A 488 0.46 -23.15 14.91
C THR A 488 0.18 -21.83 15.60
N SER A 489 0.72 -21.64 16.79
CA SER A 489 0.56 -20.39 17.48
C SER A 489 1.55 -19.37 16.90
N TRP A 490 1.09 -18.12 16.70
CA TRP A 490 1.96 -17.10 16.12
C TRP A 490 2.72 -16.39 17.22
N PRO A 491 4.05 -16.56 17.35
CA PRO A 491 4.77 -15.91 18.43
C PRO A 491 4.99 -14.44 18.14
N VAL A 492 5.18 -13.66 19.21
CA VAL A 492 5.57 -12.27 19.00
C VAL A 492 6.98 -12.23 18.46
N PHE A 493 7.20 -11.26 17.57
CA PHE A 493 8.52 -10.90 17.07
C PHE A 493 9.23 -10.00 18.05
N LYS A 494 10.41 -10.41 18.49
CA LYS A 494 11.27 -9.67 19.41
C LYS A 494 12.61 -9.51 18.71
N SER A 495 13.29 -8.39 19.00
CA SER A 495 14.51 -8.10 18.23
C SER A 495 15.63 -9.10 18.47
N THR A 496 15.56 -9.85 19.57
CA THR A 496 16.59 -10.86 19.77
C THR A 496 16.30 -12.11 18.93
N GLU A 497 15.18 -12.77 19.14
CA GLU A 497 14.96 -14.05 18.47
C GLU A 497 14.35 -13.92 17.08
N GLN A 498 13.57 -12.85 16.84
CA GLN A 498 13.11 -12.56 15.47
C GLN A 498 12.33 -13.73 14.87
N LYS A 499 11.37 -14.24 15.63
CA LYS A 499 10.54 -15.34 15.15
C LYS A 499 9.49 -14.81 14.18
N TYR A 500 9.16 -15.61 13.16
CA TYR A 500 8.08 -15.22 12.23
C TYR A 500 7.32 -16.46 11.82
N LEU A 501 6.12 -16.23 11.31
CA LEU A 501 5.20 -17.28 10.86
C LEU A 501 5.14 -17.38 9.33
N THR A 502 5.31 -18.59 8.78
CA THR A 502 5.17 -18.78 7.35
C THR A 502 3.73 -19.15 7.04
N LEU A 503 3.24 -18.64 5.92
CA LEU A 503 1.84 -18.82 5.55
C LEU A 503 1.87 -19.55 4.23
N ASN A 504 1.33 -20.75 4.23
CA ASN A 504 1.28 -21.57 3.02
C ASN A 504 0.19 -22.64 3.21
N THR A 505 -0.12 -23.36 2.13
CA THR A 505 -1.19 -24.35 2.23
C THR A 505 -0.73 -25.62 2.91
N GLU A 506 0.53 -26.00 2.74
CA GLU A 506 1.05 -27.22 3.36
C GLU A 506 1.19 -27.07 4.87
N SER A 507 2.37 -26.60 5.31
CA SER A 507 2.74 -26.62 6.72
C SER A 507 3.10 -25.20 7.12
N THR A 508 2.40 -24.70 8.11
CA THR A 508 2.67 -23.38 8.64
C THR A 508 3.70 -23.53 9.77
N ARG A 509 4.84 -22.85 9.64
CA ARG A 509 5.96 -23.03 10.56
C ARG A 509 6.44 -21.75 11.19
N ILE A 510 7.03 -21.90 12.40
CA ILE A 510 7.75 -20.82 13.05
C ILE A 510 9.21 -20.91 12.64
N MET A 511 9.72 -19.82 12.08
CA MET A 511 11.12 -19.74 11.70
CA MET A 511 11.11 -19.70 11.66
C MET A 511 11.70 -18.47 12.31
N THR A 512 13.02 -18.28 12.13
CA THR A 512 13.76 -17.18 12.80
C THR A 512 14.68 -16.47 11.82
N LYS A 513 14.78 -15.14 12.00
CA LYS A 513 15.81 -14.31 11.34
C LYS A 513 15.72 -14.44 9.83
N LEU A 514 14.54 -14.09 9.30
CA LEU A 514 14.36 -14.06 7.86
C LEU A 514 15.44 -13.24 7.13
N ARG A 515 16.03 -13.80 6.08
CA ARG A 515 16.98 -13.05 5.21
C ARG A 515 18.12 -12.43 6.00
N ALA A 516 18.57 -13.12 7.05
CA ALA A 516 19.53 -12.52 7.96
C ALA A 516 20.72 -11.91 7.22
N GLN A 517 21.42 -12.73 6.41
CA GLN A 517 22.65 -12.24 5.77
C GLN A 517 22.35 -11.16 4.73
N GLN A 518 21.28 -11.34 3.96
CA GLN A 518 20.92 -10.34 2.97
C GLN A 518 20.63 -9.00 3.64
N CYS A 519 19.80 -8.99 4.69
CA CYS A 519 19.41 -7.72 5.27
C CYS A 519 20.55 -7.03 6.00
N ARG A 520 21.51 -7.78 6.53
CA ARG A 520 22.66 -7.07 7.09
C ARG A 520 23.37 -6.27 6.01
N PHE A 521 23.38 -6.79 4.80
CA PHE A 521 23.93 -6.01 3.69
C PHE A 521 23.11 -4.75 3.42
N TRP A 522 21.80 -4.90 3.23
CA TRP A 522 21.02 -3.72 2.80
C TRP A 522 20.87 -2.71 3.93
N THR A 523 20.75 -3.18 5.17
CA THR A 523 20.37 -2.28 6.24
C THR A 523 21.59 -1.67 6.89
N SER A 524 22.69 -2.39 6.91
CA SER A 524 23.84 -1.87 7.61
C SER A 524 24.86 -1.28 6.67
N PHE A 525 25.25 -2.04 5.65
CA PHE A 525 26.27 -1.53 4.76
C PHE A 525 25.71 -0.59 3.69
N PHE A 526 24.77 -1.09 2.86
CA PHE A 526 24.38 -0.36 1.64
C PHE A 526 24.00 1.11 1.83
N PRO A 527 23.39 1.52 2.94
CA PRO A 527 23.03 2.95 3.07
C PRO A 527 24.25 3.86 3.10
N LYS A 528 25.45 3.31 3.30
CA LYS A 528 26.67 4.10 3.29
C LYS A 528 27.09 4.49 1.87
N VAL A 529 26.77 3.68 0.85
CA VAL A 529 27.35 3.88 -0.49
C VAL A 529 26.71 5.08 -1.20
C1 NAG B . -31.82 7.60 -4.92
C2 NAG B . -32.27 8.42 -6.13
C3 NAG B . -33.78 8.64 -6.11
C4 NAG B . -34.51 7.30 -6.01
C5 NAG B . -34.02 6.55 -4.78
C6 NAG B . -34.63 5.17 -4.65
C7 NAG B . -30.88 10.12 -7.23
C8 NAG B . -30.85 9.19 -8.41
N2 NAG B . -31.58 9.70 -6.17
O3 NAG B . -34.14 9.30 -7.32
O4 NAG B . -35.93 7.47 -5.94
O5 NAG B . -32.59 6.36 -4.86
O6 NAG B . -33.85 4.20 -5.34
O7 NAG B . -30.31 11.21 -7.24
C1 NAG B . -36.53 7.18 -7.24
C2 NAG B . -37.80 6.30 -7.06
C3 NAG B . -39.09 7.09 -7.36
C4 NAG B . -39.08 7.76 -8.73
C5 NAG B . -37.65 8.12 -9.13
C6 NAG B . -37.55 9.36 -10.00
C7 NAG B . -37.97 3.88 -7.41
C8 NAG B . -37.87 2.76 -8.40
N2 NAG B . -37.72 5.10 -7.88
O3 NAG B . -39.30 8.05 -6.32
O4 NAG B . -39.68 6.92 -9.70
O5 NAG B . -36.88 8.39 -7.95
O6 NAG B . -36.86 9.07 -11.22
O7 NAG B . -38.28 3.68 -6.24
C1 MAN B . -41.01 7.32 -10.19
C2 MAN B . -40.88 8.69 -11.01
C3 MAN B . -42.25 9.30 -11.39
C4 MAN B . -43.42 8.51 -10.76
C5 MAN B . -43.11 8.29 -9.25
C6 MAN B . -44.30 7.71 -8.43
O2 MAN B . -40.21 8.49 -12.26
O3 MAN B . -42.44 9.50 -12.83
O4 MAN B . -44.65 9.22 -10.91
O5 MAN B . -41.97 7.39 -9.10
O6 MAN B . -45.36 8.67 -8.34
C1 MAN B . -42.92 10.84 -13.05
C2 MAN B . -44.28 10.80 -13.87
C3 MAN B . -44.81 12.24 -14.15
C4 MAN B . -43.83 13.30 -13.65
C5 MAN B . -42.41 12.96 -14.25
C6 MAN B . -41.37 14.02 -13.96
O2 MAN B . -45.32 10.11 -13.17
O3 MAN B . -46.12 12.50 -13.61
O4 MAN B . -44.27 14.59 -14.03
O5 MAN B . -41.92 11.66 -13.72
O6 MAN B . -41.98 15.32 -14.06
C1 FUC B . -34.63 3.04 -5.63
C2 FUC B . -33.77 2.28 -6.66
C3 FUC B . -34.38 0.93 -7.07
C4 FUC B . -35.26 0.30 -5.93
C5 FUC B . -34.83 0.84 -4.54
C6 FUC B . -35.68 0.30 -3.40
O2 FUC B . -32.42 2.15 -6.23
O3 FUC B . -35.18 1.09 -8.24
O4 FUC B . -36.65 0.54 -6.17
O5 FUC B . -34.91 2.29 -4.45
C1 GAL C . -28.86 11.22 -15.06
C2 GAL C . -27.40 11.45 -14.52
C3 GAL C . -26.60 10.11 -14.30
C4 GAL C . -27.53 9.02 -13.75
C5 GAL C . -28.66 8.75 -14.76
C6 GAL C . -29.94 8.20 -14.16
O1 GAL C . -29.87 11.52 -14.11
O2 GAL C . -26.65 12.30 -15.39
O3 GAL C . -25.41 10.23 -13.40
O4 GAL C . -28.07 9.39 -12.47
O5 GAL C . -29.06 9.90 -15.58
O6 GAL C . -29.79 6.82 -13.92
C1 SIA C . -24.41 8.03 -13.02
C2 SIA C . -24.19 9.60 -13.27
C3 SIA C . -23.29 10.24 -12.19
C4 SIA C . -21.78 9.90 -12.29
C5 SIA C . -21.29 10.17 -13.73
C6 SIA C . -22.15 9.30 -14.68
C7 SIA C . -21.72 9.47 -16.15
C8 SIA C . -22.79 8.89 -17.13
C9 SIA C . -22.26 8.96 -18.55
C10 SIA C . -18.85 10.76 -13.88
C11 SIA C . -19.31 12.22 -13.77
N5 SIA C . -19.88 9.85 -13.87
O1A SIA C . -24.68 7.37 -14.09
O1B SIA C . -24.33 7.61 -11.84
O4 SIA C . -20.93 10.63 -11.39
O6 SIA C . -23.50 9.76 -14.58
O7 SIA C . -21.39 10.85 -16.37
O8 SIA C . -23.19 7.56 -16.78
O9 SIA C . -21.01 8.24 -18.64
O10 SIA C . -17.65 10.48 -13.98
C1 NAG D . -18.70 -0.25 22.48
C2 NAG D . -19.72 0.40 23.44
C3 NAG D . -19.05 1.49 24.28
C4 NAG D . -17.81 0.95 24.99
C5 NAG D . -16.88 0.31 23.97
C6 NAG D . -15.66 -0.33 24.59
C7 NAG D . -21.93 0.16 22.40
C8 NAG D . -23.04 0.87 21.67
N2 NAG D . -20.88 0.92 22.73
O3 NAG D . -19.97 2.01 25.23
O4 NAG D . -17.14 1.98 25.69
O5 NAG D . -17.55 -0.72 23.23
O6 NAG D . -14.65 -0.59 23.62
O7 NAG D . -21.99 -1.02 22.69
C1 FUC D . -13.61 -1.38 24.25
C2 FUC D . -13.61 -2.78 23.56
C3 FUC D . -13.00 -2.73 22.14
C4 FUC D . -11.58 -1.99 22.11
C5 FUC D . -11.62 -0.64 22.91
C6 FUC D . -10.23 -0.07 23.20
O2 FUC D . -14.93 -3.37 23.56
O3 FUC D . -12.89 -4.06 21.60
O4 FUC D . -10.49 -2.80 22.57
O5 FUC D . -12.29 -0.77 24.20
C1 NAG E . 17.03 17.98 -11.20
C2 NAG E . 17.88 16.72 -11.37
C3 NAG E . 18.93 16.93 -12.47
C4 NAG E . 18.27 17.41 -13.76
C5 NAG E . 17.37 18.61 -13.50
C6 NAG E . 16.56 19.01 -14.71
C7 NAG E . 18.66 15.07 -9.70
C8 NAG E . 19.36 14.88 -8.39
N2 NAG E . 18.53 16.35 -10.12
O3 NAG E . 19.63 15.71 -12.70
O4 NAG E . 19.29 17.77 -14.70
O5 NAG E . 16.42 18.32 -12.46
O6 NAG E . 15.86 17.90 -15.23
O7 NAG E . 18.23 14.12 -10.35
C1 NAG E . 19.43 16.92 -15.88
C2 NAG E . 20.05 17.74 -17.04
C3 NAG E . 20.29 16.85 -18.28
C4 NAG E . 21.15 15.66 -17.88
C5 NAG E . 20.46 14.87 -16.78
C6 NAG E . 21.25 13.68 -16.30
C7 NAG E . 19.35 20.10 -16.87
C8 NAG E . 18.38 21.14 -17.35
N2 NAG E . 19.20 18.87 -17.40
O3 NAG E . 20.94 17.60 -19.30
O4 NAG E . 21.43 14.83 -19.00
O5 NAG E . 20.25 15.73 -15.63
O6 NAG E . 21.81 13.90 -15.01
O7 NAG E . 20.25 20.36 -16.06
C1 FUC E . 15.63 18.03 -16.65
C2 FUC E . 15.41 16.59 -17.22
C3 FUC E . 14.09 15.98 -16.73
C4 FUC E . 12.91 16.92 -17.02
C5 FUC E . 13.21 18.40 -16.53
C6 FUC E . 12.18 19.44 -16.94
O2 FUC E . 16.50 15.70 -16.94
O3 FUC E . 13.84 14.75 -17.42
O4 FUC E . 12.56 16.82 -18.41
O5 FUC E . 14.52 18.89 -16.91
C1 NAG F . 12.54 -13.61 -23.45
C2 NAG F . 13.89 -13.97 -24.15
C3 NAG F . 14.76 -12.72 -24.30
C4 NAG F . 14.00 -11.56 -24.90
C5 NAG F . 12.75 -11.32 -24.07
C6 NAG F . 11.87 -10.20 -24.58
C7 NAG F . 14.45 -16.29 -23.55
C8 NAG F . 15.24 -17.18 -22.63
N2 NAG F . 14.59 -14.97 -23.38
O3 NAG F . 15.90 -13.03 -25.08
O4 NAG F . 14.79 -10.37 -24.82
O5 NAG F . 11.95 -12.51 -24.09
O6 NAG F . 11.86 -10.14 -26.00
O7 NAG F . 13.73 -16.74 -24.42
C1 NAG F . 15.28 -10.04 -26.12
C2 NAG F . 15.70 -8.59 -26.10
C3 NAG F . 16.36 -8.20 -27.43
C4 NAG F . 16.67 -9.41 -28.32
C5 NAG F . 17.04 -10.71 -27.57
C6 NAG F . 18.53 -10.86 -27.31
C7 NAG F . 14.26 -7.23 -24.64
C8 NAG F . 13.05 -6.35 -24.58
N2 NAG F . 14.56 -7.73 -25.84
O3 NAG F . 17.50 -7.41 -27.19
O4 NAG F . 15.59 -9.68 -29.21
O5 NAG F . 16.39 -10.84 -26.30
O6 NAG F . 18.75 -11.57 -26.10
O7 NAG F . 14.92 -7.48 -23.64
C1 FUC F . 10.53 -9.82 -26.47
C2 FUC F . 10.59 -9.78 -28.01
C3 FUC F . 10.69 -11.20 -28.64
C4 FUC F . 9.66 -12.20 -28.03
C5 FUC F . 9.72 -12.13 -26.46
C6 FUC F . 8.74 -13.03 -25.69
O2 FUC F . 11.67 -8.94 -28.44
O3 FUC F . 10.42 -11.12 -30.01
O4 FUC F . 8.32 -11.95 -28.52
O5 FUC F . 9.54 -10.77 -26.01
C1 NAG G . 3.13 36.88 -4.67
C2 NAG G . 1.70 36.30 -4.45
C3 NAG G . 1.07 36.90 -3.20
C4 NAG G . 1.99 36.76 -2.00
C5 NAG G . 3.37 37.34 -2.31
C6 NAG G . 4.37 37.15 -1.20
C7 NAG G . 0.37 37.67 -6.03
C8 NAG G . -0.55 37.64 -7.23
N2 NAG G . 0.83 36.49 -5.60
O3 NAG G . -0.19 36.30 -2.94
O4 NAG G . 1.43 37.43 -0.88
O5 NAG G . 3.92 36.71 -3.48
O6 NAG G . 4.45 35.79 -0.79
O7 NAG G . 0.68 38.74 -5.49
C1 NAG H . -12.13 -24.84 11.47
C2 NAG H . -12.39 -23.76 10.41
C3 NAG H . -13.85 -23.82 9.92
C4 NAG H . -14.25 -25.23 9.50
C5 NAG H . -13.98 -26.19 10.64
C6 NAG H . -14.31 -27.63 10.30
C7 NAG H . -11.00 -21.71 10.71
C8 NAG H . -10.94 -20.38 11.40
N2 NAG H . -12.11 -22.44 10.97
O3 NAG H . -14.01 -22.93 8.81
O4 NAG H . -15.63 -25.30 9.15
O5 NAG H . -12.59 -26.14 10.98
O6 NAG H . -13.86 -28.54 11.29
O7 NAG H . -10.11 -22.10 9.96
C1 GOL I . -20.68 -4.91 -4.86
O1 GOL I . -20.35 -4.38 -6.11
C2 GOL I . -19.48 -5.78 -4.54
O2 GOL I . -19.57 -7.02 -5.09
C3 GOL I . -19.41 -5.89 -3.01
O3 GOL I . -19.01 -4.74 -2.63
C17 QRH J . 2.39 3.12 -14.86
C18 QRH J . 1.67 2.59 -13.61
C19 QRH J . 1.97 1.11 -13.37
C20 QRH J . 1.11 0.43 -12.29
C21 QRH J . 1.63 -0.96 -11.73
C22 QRH J . 0.70 -1.74 -10.77
C24 QRH J . 3.13 -2.01 -8.83
C25 QRH J . 3.33 -0.64 -8.45
C26 QRH J . 4.58 -0.07 -8.04
C27 QRH J . 5.71 -0.88 -7.94
C28 QRH J . 5.56 -2.23 -8.27
C29 QRH J . 4.30 -2.77 -8.68
C30 QRH J . 0.47 -2.71 -7.84
C31 QRH J . -0.91 -2.34 -7.70
C32 QRH J . -1.59 -2.34 -6.49
C33 QRH J . -0.94 -2.75 -5.30
C34 QRH J . 0.41 -3.16 -5.38
C35 QRH J . 1.07 -3.13 -6.62
C36 QRH J . 1.73 -4.45 -9.98
C37 QRH J . 2.01 -4.83 -11.32
C38 QRH J . 2.22 -6.18 -11.77
C39 QRH J . 2.16 -7.26 -10.89
C40 QRH J . 1.90 -6.93 -9.53
C41 QRH J . 1.69 -5.59 -9.13
N16 QRH J . 1.59 4.20 -15.50
P23 QRH J . 1.50 -2.74 -9.37
C2 LEA K . 3.98 -0.20 -4.32
O2 LEA K . 4.02 -1.13 -5.17
C3 LEA K . 5.34 0.35 -3.75
C4 LEA K . 6.46 0.22 -4.73
C5 LEA K . 6.50 1.47 -5.48
C6 LEA K . 7.71 1.45 -6.36
O1 LEA K . 2.95 0.33 -3.83
CL CL L . 28.94 -16.94 -13.42
CL CL M . 28.01 -7.78 4.76
CL CL N . 16.22 -16.64 4.30
CL CL O . 12.90 -18.29 0.29
S SO4 P . -1.66 -24.77 10.75
O1 SO4 P . -1.30 -23.60 11.56
O2 SO4 P . -2.14 -24.39 9.42
O3 SO4 P . -2.75 -25.42 11.47
O4 SO4 P . -0.54 -25.72 10.65
S SO4 Q . 1.48 -4.81 23.92
O1 SO4 Q . 0.29 -4.23 24.56
O2 SO4 Q . 1.70 -4.24 22.58
O3 SO4 Q . 1.24 -6.25 23.78
O4 SO4 Q . 2.64 -4.54 24.78
S SO4 R . 32.64 -8.48 -14.81
O1 SO4 R . 32.70 -7.19 -15.50
O2 SO4 R . 31.56 -9.29 -15.35
O3 SO4 R . 33.89 -9.21 -14.98
O4 SO4 R . 32.41 -8.23 -13.38
S SO4 S . -5.72 23.25 7.66
O1 SO4 S . -6.24 24.39 6.90
O2 SO4 S . -6.07 23.39 9.08
O3 SO4 S . -4.27 23.20 7.50
O4 SO4 S . -6.33 22.02 7.14
BR BR T . 31.15 -4.10 1.36
BR BR U . 12.11 8.11 -5.13
BR BR U . 9.79 9.03 -3.95
#